data_8QOD
#
_entry.id   8QOD
#
_cell.length_a   69.811
_cell.length_b   81.51
_cell.length_c   125.498
_cell.angle_alpha   90
_cell.angle_beta   90
_cell.angle_gamma   90
#
_symmetry.space_group_name_H-M   'P 21 21 21'
#
loop_
_entity.id
_entity.type
_entity.pdbx_description
1 polymer 'Factor VII light chain'
2 polymer 'Coagulation factor VII'
3 polymer 'Tissue factor'
4 non-polymer 'CALCIUM ION'
5 non-polymer 'MAGNESIUM ION'
6 non-polymer alpha-D-glucopyranose
7 non-polymer alpha-L-fucopyranose
8 non-polymer '3-[2-bromanyl-4-[(1~{S})-1-[[3-[(4-carbamimidoylphenyl)amino]-3-oxidanylidene-propanoyl]amino]ethyl]phenoxy]benzoic acid'
9 non-polymer 'CHLORIDE ION'
10 water water
#
loop_
_entity_poly.entity_id
_entity_poly.type
_entity_poly.pdbx_seq_one_letter_code
_entity_poly.pdbx_strand_id
1 'polypeptide(L)'
;AFL(CGU)(CGU)LRPGSL(CGU)R(CGU)CK(CGU)(CGU)QCSF(CGU)(CGU)AR(CGU)IFKDA(CGU)RTKLFWI
SYSDGDQCASSPCQNGGSCKDQLQSYICFCLPAFEGRNCETHKDDQLICVNENGGCEQYCSDHTGTKRSCRCHEGYSLLA
DGVSCTPTVEYPCGKIPILEK
;
A
2 'polypeptide(L)'
;IVGGKVCPKGECPWQVLLLVNGAQLCGGTLINTIWVVSAAHCFDKIKNWRNLIAVLGEHDLSEHDGDEQSRRVAQVIIPS
TYVPGTTNHDIALLRLHQPVVLTDHVVPLCLPERTFSERTLAFVRFSLVSGWGQLLDRGATALELMVLNVPRLMTQDCLQ
QSRKVGDSPNITEYMFCAGYSDGSKDSCKGDSGGPHATHYRGTWYLTGIVSWGQGCATVGHFGVYTRVSQYIEWLQKLMR
SEPRPGVLLRAPFP
;
B
3 'polypeptide(L)'
;METPAWPRVPRPETAVARTLLLGWVFAQVAGASGTTNTVAAYNLTWKSTNFKTILEWEPKPVNQVYTVQISTKSGDWKSK
CFYTTDTECDLTDEIVKDVKQTYLARVFSYPAGNVESTGSAGEPLYENSPEFTPYLETNLGQPTIQSFEQVGTKVNVTVE
DERTLVRRNNTFLSLRDVFGKDLIYTLYYWKSSSSGKKTAKTNTNEFLIDVDKGENYCFSVQAVIPSRTVNRKSTDSPVE
CMG
;
C
#
loop_
_chem_comp.id
_chem_comp.type
_chem_comp.name
_chem_comp.formula
CA non-polymer 'CALCIUM ION' 'Ca 2'
CL non-polymer 'CHLORIDE ION' 'Cl -1'
FUC L-saccharide, alpha linking alpha-L-fucopyranose 'C6 H12 O5'
GLC D-saccharide, alpha linking alpha-D-glucopyranose 'C6 H12 O6'
MG non-polymer 'MAGNESIUM ION' 'Mg 2'
WIZ non-polymer '3-[2-bromanyl-4-[(1~{S})-1-[[3-[(4-carbamimidoylphenyl)amino]-3-oxidanylidene-propanoyl]amino]ethyl]phenoxy]benzoic acid' 'C25 H23 Br N4 O5'
#
# COMPACT_ATOMS: atom_id res chain seq x y z
N ALA A 1 -60.77 -7.42 -6.20
CA ALA A 1 -61.88 -8.32 -5.91
C ALA A 1 -62.41 -8.05 -4.51
N PHE A 2 -63.57 -7.38 -4.41
CA PHE A 2 -64.12 -7.04 -3.11
C PHE A 2 -64.39 -8.26 -2.21
N LEU A 3 -64.69 -9.45 -2.80
CA LEU A 3 -64.93 -10.64 -1.98
C LEU A 3 -63.68 -11.11 -1.22
N CGU A 4 -62.47 -10.71 -1.65
CA CGU A 4 -61.25 -11.08 -0.92
C CGU A 4 -61.03 -10.15 0.28
O CGU A 4 -60.28 -10.48 1.19
CB CGU A 4 -59.97 -11.05 -1.75
CG CGU A 4 -60.07 -12.09 -2.85
CD1 CGU A 4 -58.90 -12.03 -3.80
CD2 CGU A 4 -60.23 -13.51 -2.36
OE11 CGU A 4 -58.04 -11.17 -3.71
OE12 CGU A 4 -58.85 -12.98 -4.76
OE21 CGU A 4 -59.53 -14.03 -1.32
OE22 CGU A 4 -61.04 -14.20 -2.95
N CGU A 5 -61.69 -8.98 0.28
CA CGU A 5 -61.58 -8.03 1.39
C CGU A 5 -62.44 -8.41 2.59
O CGU A 5 -62.33 -7.81 3.66
CB CGU A 5 -61.94 -6.67 0.85
CG CGU A 5 -60.85 -6.20 -0.17
CD1 CGU A 5 -59.53 -5.78 0.49
CD2 CGU A 5 -61.43 -5.08 -1.01
OE11 CGU A 5 -58.53 -5.75 -0.17
OE12 CGU A 5 -59.43 -5.42 1.79
OE21 CGU A 5 -61.39 -5.13 -2.23
OE22 CGU A 5 -62.01 -4.01 -0.41
N LEU A 6 -63.30 -9.43 2.43
CA LEU A 6 -64.11 -9.96 3.52
C LEU A 6 -63.22 -10.78 4.47
N ARG A 7 -62.12 -11.37 3.96
CA ARG A 7 -61.19 -12.16 4.73
C ARG A 7 -60.49 -11.25 5.75
N PRO A 8 -60.23 -11.75 6.97
CA PRO A 8 -59.57 -10.93 7.99
C PRO A 8 -58.15 -10.51 7.61
N GLY A 9 -57.67 -9.45 8.26
CA GLY A 9 -56.32 -8.92 8.04
C GLY A 9 -55.22 -9.96 8.15
N SER A 10 -54.40 -10.08 7.11
CA SER A 10 -53.34 -11.07 7.06
C SER A 10 -52.07 -10.50 6.45
N LEU A 11 -50.95 -10.57 7.18
CA LEU A 11 -49.66 -10.11 6.65
C LEU A 11 -49.27 -10.92 5.42
N CGU A 12 -49.51 -12.25 5.46
CA CGU A 12 -49.20 -13.14 4.35
C CGU A 12 -50.00 -12.81 3.09
O CGU A 12 -49.42 -12.60 2.04
CB CGU A 12 -49.39 -14.57 4.88
CG CGU A 12 -49.22 -15.62 3.76
CD1 CGU A 12 -47.78 -15.66 3.33
CD2 CGU A 12 -49.82 -16.99 4.05
OE11 CGU A 12 -46.90 -15.58 4.17
OE12 CGU A 12 -47.49 -15.74 2.02
OE21 CGU A 12 -49.91 -17.75 3.10
OE22 CGU A 12 -50.25 -17.38 5.29
N ARG A 13 -51.34 -12.78 3.19
CA ARG A 13 -52.18 -12.54 2.02
C ARG A 13 -52.09 -11.09 1.49
N CGU A 14 -52.03 -10.09 2.39
CA CGU A 14 -51.97 -8.68 1.97
C CGU A 14 -50.58 -8.18 1.59
O CGU A 14 -50.45 -7.43 0.62
CB CGU A 14 -52.52 -7.67 3.00
CG CGU A 14 -53.95 -7.98 3.42
CD1 CGU A 14 -54.90 -8.02 2.24
CD2 CGU A 14 -54.37 -7.01 4.50
OE11 CGU A 14 -55.34 -7.02 1.67
OE12 CGU A 14 -55.27 -9.21 1.78
OE21 CGU A 14 -54.64 -5.84 4.28
OE22 CGU A 14 -54.46 -7.45 5.74
N CYS A 15 -49.55 -8.53 2.37
CA CYS A 15 -48.20 -8.03 2.12
C CYS A 15 -47.27 -9.05 1.43
N LYS A 16 -47.28 -10.31 1.84
CA LYS A 16 -46.41 -11.32 1.22
C LYS A 16 -46.80 -11.67 -0.24
N CGU A 17 -48.02 -12.20 -0.45
CA CGU A 17 -48.49 -12.56 -1.78
C CGU A 17 -48.75 -11.36 -2.70
O CGU A 17 -48.48 -11.43 -3.90
CB CGU A 17 -49.76 -13.42 -1.72
CG CGU A 17 -49.61 -14.66 -0.81
CD1 CGU A 17 -48.73 -15.79 -1.35
CD2 CGU A 17 -50.96 -15.17 -0.37
OE11 CGU A 17 -48.37 -15.86 -2.66
OE12 CGU A 17 -48.34 -16.64 -0.57
OE21 CGU A 17 -51.09 -15.79 0.82
OE22 CGU A 17 -51.92 -15.02 -1.10
N CGU A 18 -49.29 -10.27 -2.15
CA CGU A 18 -49.57 -9.07 -2.93
C CGU A 18 -48.81 -7.90 -2.32
O CGU A 18 -48.32 -8.04 -1.20
CB CGU A 18 -51.10 -8.75 -3.05
CG CGU A 18 -52.06 -9.96 -3.08
CD1 CGU A 18 -52.27 -10.49 -4.48
CD2 CGU A 18 -53.36 -9.64 -2.40
OE11 CGU A 18 -51.80 -9.90 -5.44
OE12 CGU A 18 -52.98 -11.64 -4.64
OE21 CGU A 18 -53.73 -8.49 -2.32
OE22 CGU A 18 -54.09 -10.64 -1.86
N GLN A 19 -48.68 -6.77 -3.03
CA GLN A 19 -47.98 -5.61 -2.47
C GLN A 19 -48.90 -4.75 -1.60
N CYS A 20 -48.53 -4.51 -0.34
CA CYS A 20 -49.37 -3.71 0.56
C CYS A 20 -48.83 -2.31 0.77
N SER A 21 -49.73 -1.37 1.07
CA SER A 21 -49.36 0.02 1.33
C SER A 21 -48.91 0.15 2.82
N PHE A 22 -48.32 1.30 3.18
CA PHE A 22 -47.89 1.51 4.58
C PHE A 22 -49.07 1.41 5.54
N CGU A 23 -50.22 2.03 5.17
CA CGU A 23 -51.42 2.00 6.00
C CGU A 23 -51.95 0.60 6.22
O CGU A 23 -52.26 0.24 7.36
CB CGU A 23 -52.52 2.96 5.62
CG CGU A 23 -53.65 3.00 6.67
CD1 CGU A 23 -53.30 3.27 8.11
CD2 CGU A 23 -54.82 3.84 6.21
OE11 CGU A 23 -52.15 3.86 8.51
OE12 CGU A 23 -54.11 2.94 8.98
OE21 CGU A 23 -54.70 4.64 5.29
OE22 CGU A 23 -55.97 3.64 6.85
N CGU A 24 -52.05 -0.19 5.16
CA CGU A 24 -52.50 -1.58 5.27
C CGU A 24 -51.60 -2.34 6.25
O CGU A 24 -52.11 -3.02 7.14
CB CGU A 24 -52.40 -2.26 3.90
CG CGU A 24 -53.56 -2.12 2.93
CD1 CGU A 24 -54.97 -2.33 3.48
CD2 CGU A 24 -53.19 -3.03 1.77
OE11 CGU A 24 -55.59 -1.31 4.12
OE12 CGU A 24 -55.56 -3.38 3.35
OE21 CGU A 24 -52.49 -2.53 0.91
OE22 CGU A 24 -53.62 -4.33 1.70
N ALA A 25 -50.27 -2.16 6.16
CA ALA A 25 -49.34 -2.84 7.07
C ALA A 25 -49.50 -2.30 8.49
N ARG A 26 -49.71 -0.98 8.64
CA ARG A 26 -49.91 -0.33 9.93
C ARG A 26 -51.16 -0.84 10.64
N CGU A 27 -52.23 -1.17 9.89
CA CGU A 27 -53.42 -1.72 10.52
C CGU A 27 -53.16 -3.11 11.08
O CGU A 27 -53.81 -3.50 12.05
CB CGU A 27 -54.58 -1.78 9.54
CG CGU A 27 -55.10 -0.35 9.28
CD1 CGU A 27 -55.96 0.25 10.42
CD2 CGU A 27 -55.83 -0.25 7.93
OE11 CGU A 27 -56.33 1.40 10.40
OE12 CGU A 27 -56.29 -0.43 11.52
OE21 CGU A 27 -56.13 0.85 7.52
OE22 CGU A 27 -56.16 -1.36 7.16
N ILE A 28 -52.20 -3.84 10.50
CA ILE A 28 -51.82 -5.17 10.99
C ILE A 28 -50.95 -5.05 12.25
N PHE A 29 -49.87 -4.25 12.20
CA PHE A 29 -48.94 -4.12 13.33
C PHE A 29 -49.42 -3.21 14.44
N LYS A 30 -50.27 -2.21 14.12
CA LYS A 30 -50.87 -1.21 15.02
C LYS A 30 -49.86 -0.19 15.59
N ASP A 31 -48.77 -0.65 16.21
CA ASP A 31 -47.76 0.22 16.79
C ASP A 31 -46.95 0.87 15.66
N ALA A 32 -46.58 2.15 15.84
CA ALA A 32 -45.80 2.88 14.83
C ALA A 32 -44.39 2.32 14.68
N CGU A 33 -43.77 1.88 15.78
CA CGU A 33 -42.41 1.34 15.78
C CGU A 33 -42.34 -0.01 15.09
O CGU A 33 -41.46 -0.23 14.27
CB CGU A 33 -41.77 1.32 17.17
CG CGU A 33 -41.62 2.73 17.82
CD1 CGU A 33 -41.08 3.79 16.84
CD2 CGU A 33 -42.87 3.15 18.60
OE11 CGU A 33 -39.98 3.60 16.33
OE12 CGU A 33 -41.81 4.90 16.54
OE21 CGU A 33 -43.78 3.73 18.03
OE22 CGU A 33 -42.99 2.87 19.92
N ARG A 34 -43.30 -0.89 15.39
CA ARG A 34 -43.37 -2.22 14.78
C ARG A 34 -43.62 -2.10 13.28
N THR A 35 -44.46 -1.14 12.86
CA THR A 35 -44.72 -0.95 11.44
C THR A 35 -43.46 -0.44 10.73
N LYS A 36 -42.67 0.42 11.39
CA LYS A 36 -41.42 0.93 10.80
C LYS A 36 -40.42 -0.21 10.63
N LEU A 37 -40.33 -1.10 11.63
CA LEU A 37 -39.46 -2.28 11.62
C LEU A 37 -39.78 -3.15 10.40
N PHE A 38 -41.08 -3.30 10.08
CA PHE A 38 -41.49 -4.07 8.92
C PHE A 38 -41.24 -3.29 7.64
N TRP A 39 -41.63 -2.00 7.62
CA TRP A 39 -41.62 -1.11 6.46
C TRP A 39 -40.22 -0.79 5.90
N ILE A 40 -39.23 -0.58 6.76
CA ILE A 40 -37.88 -0.22 6.29
C ILE A 40 -37.32 -1.24 5.28
N SER A 41 -37.50 -2.55 5.53
CA SER A 41 -37.00 -3.56 4.59
C SER A 41 -37.95 -3.91 3.45
N TYR A 42 -39.24 -4.06 3.73
CA TYR A 42 -40.22 -4.46 2.72
C TYR A 42 -40.42 -3.39 1.61
N SER A 43 -40.38 -2.10 1.97
CA SER A 43 -40.54 -1.02 0.97
C SER A 43 -39.28 -0.74 0.17
N ASP A 44 -38.11 -1.08 0.74
CA ASP A 44 -36.78 -0.87 0.19
C ASP A 44 -36.58 -1.46 -1.22
N GLY A 45 -37.27 -2.57 -1.50
CA GLY A 45 -37.14 -3.23 -2.79
C GLY A 45 -35.87 -4.07 -2.90
N ASP A 46 -35.83 -4.92 -3.93
CA ASP A 46 -34.71 -5.81 -4.15
C ASP A 46 -33.80 -5.27 -5.25
N GLN A 47 -32.63 -4.71 -4.89
CA GLN A 47 -31.69 -4.23 -5.91
C GLN A 47 -31.06 -5.39 -6.72
N CYS A 48 -31.11 -6.63 -6.19
CA CYS A 48 -30.59 -7.81 -6.87
C CYS A 48 -31.52 -8.30 -8.01
N ALA A 49 -32.73 -7.69 -8.17
CA ALA A 49 -33.67 -8.08 -9.23
C ALA A 49 -33.10 -7.82 -10.64
N SER A 50 -32.24 -6.80 -10.78
CA SER A 50 -31.60 -6.49 -12.06
C SER A 50 -30.42 -7.41 -12.39
N SER A 51 -30.11 -8.42 -11.54
CA SER A 51 -28.98 -9.33 -11.68
C SER A 51 -27.67 -8.57 -11.97
N PRO A 52 -27.23 -7.70 -11.05
CA PRO A 52 -26.05 -6.88 -11.32
C PRO A 52 -24.73 -7.62 -11.29
N CYS A 53 -24.68 -8.78 -10.61
CA CYS A 53 -23.41 -9.50 -10.48
C CYS A 53 -23.07 -10.31 -11.71
N GLN A 54 -21.98 -9.94 -12.36
CA GLN A 54 -21.53 -10.56 -13.60
C GLN A 54 -20.59 -11.72 -13.34
N ASN A 55 -20.25 -12.46 -14.42
CA ASN A 55 -19.25 -13.52 -14.39
C ASN A 55 -19.46 -14.57 -13.30
N GLY A 56 -20.73 -14.95 -13.11
CA GLY A 56 -21.06 -16.01 -12.17
C GLY A 56 -21.08 -15.62 -10.71
N GLY A 57 -21.08 -14.32 -10.43
CA GLY A 57 -21.12 -13.83 -9.06
C GLY A 57 -22.49 -13.98 -8.42
N SER A 58 -22.57 -13.73 -7.10
CA SER A 58 -23.81 -13.85 -6.31
C SER A 58 -24.21 -12.55 -5.63
N CYS A 59 -25.49 -12.18 -5.78
CA CYS A 59 -25.99 -10.94 -5.24
C CYS A 59 -26.66 -11.13 -3.89
N LYS A 60 -26.41 -10.20 -2.98
CA LYS A 60 -27.06 -10.19 -1.68
C LYS A 60 -27.63 -8.80 -1.46
N ASP A 61 -28.95 -8.73 -1.33
CA ASP A 61 -29.65 -7.47 -1.13
C ASP A 61 -29.24 -6.78 0.18
N GLN A 62 -29.16 -5.45 0.14
CA GLN A 62 -28.86 -4.61 1.32
C GLN A 62 -29.86 -3.42 1.31
N LEU A 63 -29.78 -2.52 2.30
CA LEU A 63 -30.71 -1.38 2.33
C LEU A 63 -30.26 -0.35 1.30
N GLN A 64 -31.07 -0.18 0.24
CA GLN A 64 -30.87 0.72 -0.91
C GLN A 64 -29.62 0.39 -1.72
N SER A 65 -29.16 -0.86 -1.67
CA SER A 65 -27.94 -1.27 -2.36
C SER A 65 -27.86 -2.82 -2.36
N TYR A 66 -26.70 -3.35 -2.72
CA TYR A 66 -26.47 -4.79 -2.74
C TYR A 66 -24.96 -5.04 -2.62
N ILE A 67 -24.57 -6.28 -2.41
CA ILE A 67 -23.17 -6.68 -2.44
C ILE A 67 -23.01 -7.88 -3.38
N CYS A 68 -21.96 -7.86 -4.21
CA CYS A 68 -21.66 -8.98 -5.11
C CYS A 68 -20.51 -9.79 -4.54
N PHE A 69 -20.71 -11.09 -4.47
CA PHE A 69 -19.72 -12.07 -4.06
C PHE A 69 -19.18 -12.62 -5.38
N CYS A 70 -17.90 -12.38 -5.68
CA CYS A 70 -17.34 -12.81 -6.96
C CYS A 70 -16.67 -14.17 -6.92
N LEU A 71 -16.54 -14.83 -8.09
CA LEU A 71 -15.75 -16.05 -8.22
C LEU A 71 -14.27 -15.61 -8.12
N PRO A 72 -13.32 -16.51 -7.76
CA PRO A 72 -11.93 -16.07 -7.55
C PRO A 72 -11.23 -15.27 -8.66
N ALA A 73 -11.56 -15.48 -9.93
CA ALA A 73 -10.89 -14.76 -11.03
C ALA A 73 -11.49 -13.38 -11.30
N PHE A 74 -12.43 -12.90 -10.47
CA PHE A 74 -13.11 -11.63 -10.71
C PHE A 74 -13.17 -10.71 -9.52
N GLU A 75 -13.24 -9.41 -9.77
CA GLU A 75 -13.42 -8.41 -8.73
C GLU A 75 -14.27 -7.25 -9.30
N GLY A 76 -14.51 -6.23 -8.50
CA GLY A 76 -15.35 -5.11 -8.89
C GLY A 76 -16.68 -5.16 -8.15
N ARG A 77 -17.36 -4.01 -8.06
CA ARG A 77 -18.69 -3.90 -7.45
C ARG A 77 -19.66 -4.92 -8.05
N ASN A 78 -19.56 -5.14 -9.37
CA ASN A 78 -20.43 -6.08 -10.09
C ASN A 78 -19.69 -7.30 -10.65
N CYS A 79 -18.51 -7.63 -10.09
CA CYS A 79 -17.64 -8.72 -10.58
C CYS A 79 -17.28 -8.51 -12.05
N GLU A 80 -17.21 -7.24 -12.51
CA GLU A 80 -16.94 -6.92 -13.91
C GLU A 80 -15.45 -7.02 -14.27
N THR A 81 -14.56 -6.86 -13.28
CA THR A 81 -13.13 -6.88 -13.54
C THR A 81 -12.57 -8.30 -13.64
N HIS A 82 -11.97 -8.63 -14.79
CA HIS A 82 -11.36 -9.93 -14.97
C HIS A 82 -9.90 -9.84 -14.49
N LYS A 83 -9.55 -10.59 -13.43
CA LYS A 83 -8.16 -10.59 -12.93
C LYS A 83 -7.17 -11.04 -14.00
N ASP A 84 -7.60 -11.95 -14.89
CA ASP A 84 -6.73 -12.48 -15.94
C ASP A 84 -6.36 -11.45 -17.02
N ASP A 85 -7.07 -10.32 -17.09
CA ASP A 85 -6.79 -9.25 -18.06
C ASP A 85 -5.98 -8.10 -17.48
N GLN A 86 -5.34 -8.33 -16.32
CA GLN A 86 -4.59 -7.28 -15.62
C GLN A 86 -3.08 -7.54 -15.59
N LEU A 87 -2.56 -8.40 -16.47
CA LEU A 87 -1.13 -8.73 -16.47
C LEU A 87 -0.31 -7.66 -17.17
N ILE A 88 -0.19 -6.50 -16.53
CA ILE A 88 0.53 -5.34 -17.04
C ILE A 88 1.62 -4.91 -16.04
N CYS A 89 2.65 -4.21 -16.54
CA CYS A 89 3.80 -3.90 -15.71
C CYS A 89 3.51 -3.02 -14.50
N VAL A 90 2.47 -2.16 -14.53
CA VAL A 90 2.13 -1.37 -13.32
C VAL A 90 1.43 -2.23 -12.25
N ASN A 91 1.00 -3.46 -12.59
CA ASN A 91 0.34 -4.34 -11.63
C ASN A 91 1.38 -5.31 -11.05
N GLU A 92 1.99 -4.96 -9.91
CA GLU A 92 2.97 -5.81 -9.24
C GLU A 92 4.08 -6.29 -10.18
N ASN A 93 4.58 -5.33 -10.97
CA ASN A 93 5.66 -5.52 -11.94
C ASN A 93 5.35 -6.57 -13.02
N GLY A 94 4.05 -6.76 -13.30
CA GLY A 94 3.60 -7.80 -14.22
C GLY A 94 3.98 -9.21 -13.79
N GLY A 95 4.28 -9.41 -12.52
CA GLY A 95 4.75 -10.71 -12.03
C GLY A 95 6.21 -11.00 -12.35
N CYS A 96 6.93 -10.05 -12.96
CA CYS A 96 8.36 -10.23 -13.29
C CYS A 96 9.21 -10.09 -12.04
N GLU A 97 10.28 -10.89 -11.94
CA GLU A 97 11.19 -10.81 -10.81
C GLU A 97 12.04 -9.53 -10.93
N GLN A 98 12.49 -9.20 -12.15
CA GLN A 98 13.32 -8.02 -12.35
C GLN A 98 12.64 -7.02 -13.26
N TYR A 99 12.92 -7.00 -14.57
CA TYR A 99 12.33 -6.00 -15.46
C TYR A 99 11.08 -6.50 -16.18
N CYS A 100 10.20 -5.58 -16.50
CA CYS A 100 8.92 -5.86 -17.15
C CYS A 100 8.77 -4.96 -18.35
N SER A 101 8.32 -5.51 -19.48
CA SER A 101 8.09 -4.71 -20.69
C SER A 101 6.67 -4.97 -21.18
N ASP A 102 5.85 -3.92 -21.25
CA ASP A 102 4.48 -4.08 -21.76
C ASP A 102 4.54 -4.21 -23.29
N HIS A 103 3.64 -5.02 -23.86
CA HIS A 103 3.58 -5.18 -25.31
C HIS A 103 2.12 -5.14 -25.70
N THR A 104 1.65 -3.99 -26.18
CA THR A 104 0.27 -3.85 -26.61
C THR A 104 -0.01 -4.78 -27.80
N GLY A 105 -1.15 -5.44 -27.77
CA GLY A 105 -1.52 -6.43 -28.78
C GLY A 105 -1.09 -7.85 -28.40
N THR A 106 -0.12 -7.96 -27.49
CA THR A 106 0.36 -9.27 -27.03
C THR A 106 0.67 -9.20 -25.52
N LYS A 107 1.14 -10.30 -24.91
CA LYS A 107 1.41 -10.27 -23.48
C LYS A 107 2.74 -9.62 -23.14
N ARG A 108 2.83 -9.12 -21.90
CA ARG A 108 4.07 -8.52 -21.42
C ARG A 108 5.20 -9.55 -21.40
N SER A 109 6.44 -9.07 -21.44
CA SER A 109 7.57 -9.98 -21.30
C SER A 109 8.41 -9.53 -20.11
N CYS A 110 9.15 -10.44 -19.52
CA CYS A 110 10.03 -10.16 -18.39
C CYS A 110 11.46 -10.22 -18.90
N ARG A 111 12.34 -9.43 -18.29
CA ARG A 111 13.75 -9.37 -18.65
C ARG A 111 14.59 -9.29 -17.36
N CYS A 112 15.91 -9.35 -17.50
CA CYS A 112 16.81 -9.34 -16.35
C CYS A 112 17.90 -8.29 -16.50
N HIS A 113 18.46 -7.87 -15.37
CA HIS A 113 19.59 -6.97 -15.35
C HIS A 113 20.82 -7.79 -15.86
N GLU A 114 21.86 -7.09 -16.38
CA GLU A 114 23.15 -7.69 -16.79
C GLU A 114 23.68 -8.54 -15.61
N GLY A 115 24.27 -9.70 -15.90
CA GLY A 115 24.71 -10.60 -14.85
C GLY A 115 23.65 -11.62 -14.42
N TYR A 116 22.47 -11.54 -15.03
CA TYR A 116 21.37 -12.46 -14.78
C TYR A 116 20.75 -12.90 -16.13
N SER A 117 20.04 -14.02 -16.13
CA SER A 117 19.32 -14.48 -17.31
C SER A 117 17.96 -15.02 -16.89
N LEU A 118 17.01 -14.97 -17.80
CA LEU A 118 15.65 -15.39 -17.55
C LEU A 118 15.48 -16.91 -17.54
N LEU A 119 14.77 -17.41 -16.55
CA LEU A 119 14.48 -18.84 -16.42
C LEU A 119 13.33 -19.28 -17.34
N ALA A 120 13.09 -20.60 -17.44
CA ALA A 120 12.05 -21.14 -18.34
C ALA A 120 10.62 -20.75 -17.96
N ASP A 121 10.40 -20.32 -16.69
CA ASP A 121 9.08 -19.87 -16.27
C ASP A 121 8.67 -18.49 -16.88
N GLY A 122 9.60 -17.83 -17.58
CA GLY A 122 9.41 -16.54 -18.23
C GLY A 122 9.34 -15.34 -17.32
N VAL A 123 9.51 -15.53 -15.99
CA VAL A 123 9.43 -14.45 -14.99
C VAL A 123 10.66 -14.31 -14.07
N SER A 124 11.30 -15.43 -13.73
CA SER A 124 12.41 -15.49 -12.78
C SER A 124 13.76 -15.25 -13.42
N CYS A 125 14.70 -14.71 -12.65
CA CYS A 125 16.06 -14.40 -13.11
C CYS A 125 17.06 -15.19 -12.28
N THR A 126 18.10 -15.70 -12.93
CA THR A 126 19.15 -16.42 -12.22
C THR A 126 20.52 -15.82 -12.56
N PRO A 127 21.43 -15.76 -11.58
CA PRO A 127 22.77 -15.23 -11.88
C PRO A 127 23.56 -16.02 -12.93
N THR A 128 24.28 -15.29 -13.78
CA THR A 128 25.18 -15.90 -14.78
C THR A 128 26.68 -15.65 -14.42
N VAL A 129 26.94 -14.98 -13.29
CA VAL A 129 28.28 -14.65 -12.83
C VAL A 129 28.36 -15.03 -11.36
N GLU A 130 29.58 -15.15 -10.83
CA GLU A 130 29.80 -15.52 -9.45
C GLU A 130 29.29 -14.46 -8.48
N TYR A 131 29.51 -13.18 -8.80
CA TYR A 131 29.10 -12.09 -7.94
C TYR A 131 28.16 -11.13 -8.66
N PRO A 132 26.90 -11.55 -8.87
CA PRO A 132 25.95 -10.64 -9.54
C PRO A 132 25.65 -9.42 -8.67
N CYS A 133 25.28 -8.29 -9.32
CA CYS A 133 24.92 -7.11 -8.56
C CYS A 133 23.71 -7.35 -7.65
N GLY A 134 23.67 -6.64 -6.54
CA GLY A 134 22.52 -6.63 -5.66
C GLY A 134 22.22 -7.86 -4.87
N LYS A 135 23.21 -8.74 -4.68
CA LYS A 135 23.10 -9.94 -3.85
C LYS A 135 24.18 -9.87 -2.77
N ILE A 136 23.88 -10.35 -1.54
CA ILE A 136 24.80 -10.27 -0.42
C ILE A 136 25.39 -11.68 -0.17
N PRO A 137 26.59 -11.95 -0.69
CA PRO A 137 27.17 -13.31 -0.59
C PRO A 137 27.25 -13.92 0.79
N ILE A 138 27.60 -13.15 1.84
CA ILE A 138 27.69 -13.74 3.19
C ILE A 138 26.34 -14.22 3.70
N LEU A 139 25.23 -13.69 3.19
CA LEU A 139 23.90 -14.18 3.55
C LEU A 139 23.39 -15.27 2.55
N GLU A 140 24.36 -15.96 1.89
CA GLU A 140 24.19 -17.02 0.90
C GLU A 140 23.41 -16.56 -0.31
N LYS A 141 23.67 -15.32 -0.75
CA LYS A 141 23.10 -14.63 -1.92
C LYS A 141 21.61 -14.91 -2.21
N ILE B 1 24.82 8.37 10.46
CA ILE B 1 23.49 7.80 10.57
C ILE B 1 23.08 7.97 12.02
N VAL B 2 21.92 8.56 12.25
CA VAL B 2 21.36 8.71 13.58
C VAL B 2 20.29 7.61 13.76
N GLY B 3 20.33 6.91 14.88
CA GLY B 3 19.34 5.90 15.23
C GLY B 3 19.34 4.60 14.46
N GLY B 4 20.45 4.31 13.82
CA GLY B 4 20.59 3.08 13.06
C GLY B 4 21.30 2.00 13.82
N LYS B 5 21.85 1.04 13.10
CA LYS B 5 22.57 -0.09 13.70
C LYS B 5 23.91 -0.25 12.99
N VAL B 6 24.86 -1.02 13.59
CA VAL B 6 26.10 -1.30 12.87
C VAL B 6 25.71 -2.26 11.72
N CYS B 7 26.15 -1.97 10.48
CA CYS B 7 25.87 -2.89 9.38
C CYS B 7 26.84 -4.05 9.58
N PRO B 8 26.38 -5.29 9.78
CA PRO B 8 27.33 -6.40 10.02
C PRO B 8 28.30 -6.51 8.85
N LYS B 9 29.59 -6.72 9.13
CA LYS B 9 30.62 -6.80 8.09
C LYS B 9 30.25 -7.67 6.89
N GLY B 10 30.33 -7.11 5.68
CA GLY B 10 29.96 -7.79 4.45
C GLY B 10 28.49 -7.64 4.05
N GLU B 11 27.66 -7.10 4.95
CA GLU B 11 26.21 -6.97 4.64
C GLU B 11 25.85 -5.70 3.86
N CYS B 12 26.82 -4.77 3.68
CA CYS B 12 26.59 -3.55 2.88
C CYS B 12 27.74 -3.53 1.87
N PRO B 13 27.87 -4.58 1.00
CA PRO B 13 29.12 -4.77 0.24
C PRO B 13 29.40 -3.79 -0.89
N TRP B 14 28.40 -3.00 -1.23
CA TRP B 14 28.52 -1.95 -2.26
C TRP B 14 28.90 -0.58 -1.69
N GLN B 15 28.96 -0.44 -0.35
CA GLN B 15 29.31 0.85 0.25
C GLN B 15 30.74 1.18 -0.09
N VAL B 16 30.98 2.45 -0.47
CA VAL B 16 32.27 3.02 -0.78
C VAL B 16 32.60 4.10 0.22
N LEU B 17 33.87 4.14 0.65
CA LEU B 17 34.41 5.23 1.45
C LEU B 17 35.33 6.03 0.51
N LEU B 18 35.06 7.33 0.31
CA LEU B 18 35.89 8.17 -0.56
C LEU B 18 36.79 8.97 0.35
N LEU B 19 38.08 9.06 -0.02
CA LEU B 19 39.08 9.81 0.72
C LEU B 19 39.71 10.85 -0.21
N VAL B 20 40.16 11.95 0.38
CA VAL B 20 40.94 12.96 -0.36
C VAL B 20 42.12 13.28 0.54
N ASN B 21 43.36 13.14 0.00
CA ASN B 21 44.58 13.32 0.79
C ASN B 21 44.59 12.35 2.01
N GLY B 22 43.96 11.17 1.86
CA GLY B 22 43.86 10.15 2.90
C GLY B 22 42.84 10.41 3.99
N ALA B 23 42.08 11.52 3.89
CA ALA B 23 41.07 11.87 4.90
C ALA B 23 39.65 11.54 4.38
N GLN B 24 38.76 11.07 5.27
CA GLN B 24 37.35 10.74 4.91
C GLN B 24 36.65 11.93 4.25
N LEU B 25 36.10 11.71 3.04
CA LEU B 25 35.42 12.75 2.32
C LEU B 25 33.89 12.55 2.29
N CYS B 26 33.46 11.37 1.84
CA CYS B 26 32.03 11.10 1.60
C CYS B 26 31.86 9.58 1.43
N GLY B 27 30.61 9.17 1.29
CA GLY B 27 30.29 7.80 0.91
C GLY B 27 30.07 7.73 -0.60
N GLY B 28 29.85 6.53 -1.09
CA GLY B 28 29.59 6.23 -2.49
C GLY B 28 28.98 4.85 -2.62
N THR B 29 28.60 4.48 -3.83
CA THR B 29 28.02 3.18 -4.10
C THR B 29 28.68 2.58 -5.31
N LEU B 30 29.22 1.35 -5.18
CA LEU B 30 29.82 0.68 -6.32
C LEU B 30 28.65 0.13 -7.18
N ILE B 31 28.66 0.36 -8.52
CA ILE B 31 27.60 -0.20 -9.36
C ILE B 31 28.08 -1.24 -10.39
N ASN B 32 29.41 -1.35 -10.55
CA ASN B 32 30.05 -2.41 -11.31
C ASN B 32 31.52 -2.38 -10.88
N THR B 33 32.44 -3.12 -11.52
CA THR B 33 33.85 -3.15 -11.04
C THR B 33 34.62 -1.84 -11.24
N ILE B 34 34.11 -0.91 -12.04
CA ILE B 34 34.84 0.31 -12.35
C ILE B 34 34.17 1.57 -11.92
N TRP B 35 32.86 1.56 -11.75
CA TRP B 35 32.12 2.79 -11.55
C TRP B 35 31.45 2.92 -10.19
N VAL B 36 31.58 4.10 -9.59
CA VAL B 36 31.01 4.42 -8.29
C VAL B 36 30.08 5.61 -8.45
N VAL B 37 28.91 5.59 -7.80
CA VAL B 37 27.99 6.73 -7.82
C VAL B 37 28.08 7.43 -6.47
N SER B 38 28.23 8.76 -6.46
CA SER B 38 28.30 9.52 -5.20
C SER B 38 27.48 10.85 -5.39
N ALA B 39 27.68 11.85 -4.52
CA ALA B 39 26.93 13.13 -4.60
C ALA B 39 27.89 14.19 -5.15
N ALA B 40 27.38 15.07 -6.01
CA ALA B 40 28.20 16.14 -6.59
C ALA B 40 28.79 17.06 -5.52
N HIS B 41 28.00 17.34 -4.47
CA HIS B 41 28.42 18.29 -3.43
C HIS B 41 29.69 17.85 -2.67
N CYS B 42 29.99 16.54 -2.68
CA CYS B 42 31.21 16.03 -2.08
C CYS B 42 32.48 16.63 -2.69
N PHE B 43 32.39 17.13 -3.92
CA PHE B 43 33.59 17.60 -4.65
C PHE B 43 33.67 19.14 -4.74
N ASP B 44 32.79 19.86 -4.02
CA ASP B 44 32.78 21.33 -4.13
C ASP B 44 34.09 22.00 -3.67
N LYS B 45 34.81 21.41 -2.71
CA LYS B 45 36.03 22.03 -2.19
C LYS B 45 37.32 21.33 -2.60
N ILE B 46 37.26 20.38 -3.53
CA ILE B 46 38.45 19.65 -3.96
C ILE B 46 39.42 20.55 -4.73
N LYS B 47 40.68 20.49 -4.36
CA LYS B 47 41.78 21.16 -5.07
C LYS B 47 42.74 20.07 -5.60
N ASN B 48 43.01 19.03 -4.81
CA ASN B 48 43.94 17.98 -5.22
C ASN B 48 43.18 16.85 -5.91
N TRP B 49 42.83 17.04 -7.19
CA TRP B 49 42.06 16.06 -7.95
C TRP B 49 42.75 14.72 -8.15
N ARG B 50 44.09 14.68 -8.06
CA ARG B 50 44.82 13.42 -8.22
C ARG B 50 44.97 12.61 -6.91
N ASN B 51 44.46 13.14 -5.80
CA ASN B 51 44.54 12.51 -4.50
C ASN B 51 43.19 11.95 -4.01
N LEU B 52 42.33 11.52 -4.93
CA LEU B 52 41.02 10.94 -4.54
C LEU B 52 41.12 9.41 -4.57
N ILE B 53 40.70 8.76 -3.50
CA ILE B 53 40.77 7.29 -3.41
C ILE B 53 39.39 6.74 -3.05
N ALA B 54 39.00 5.64 -3.66
CA ALA B 54 37.78 4.91 -3.30
C ALA B 54 38.21 3.66 -2.52
N VAL B 55 37.62 3.40 -1.36
CA VAL B 55 37.93 2.20 -0.59
C VAL B 55 36.67 1.36 -0.57
N LEU B 56 36.80 0.09 -1.00
CA LEU B 56 35.72 -0.89 -1.01
C LEU B 56 36.05 -1.94 0.08
N GLY B 57 35.03 -2.62 0.60
CA GLY B 57 35.26 -3.64 1.62
C GLY B 57 35.58 -3.06 3.00
N GLU B 58 35.40 -1.76 3.17
CA GLU B 58 35.68 -1.09 4.44
C GLU B 58 34.54 -1.38 5.42
N HIS B 59 34.86 -1.41 6.71
CA HIS B 59 33.87 -1.65 7.72
C HIS B 59 34.23 -0.84 8.95
N ASP B 60 35.42 -1.10 9.53
CA ASP B 60 35.86 -0.46 10.76
C ASP B 60 37.03 0.43 10.38
N LEU B 61 36.83 1.73 10.48
CA LEU B 61 37.85 2.70 10.08
C LEU B 61 39.08 2.68 10.98
N SER B 62 39.00 2.08 12.16
CA SER B 62 40.14 1.99 13.10
C SER B 62 41.02 0.74 12.87
N GLU B 63 40.60 -0.20 12.00
CA GLU B 63 41.36 -1.42 11.77
C GLU B 63 41.37 -1.75 10.30
N HIS B 64 42.54 -2.07 9.76
CA HIS B 64 42.62 -2.54 8.38
C HIS B 64 42.58 -4.08 8.37
N ASP B 65 41.96 -4.65 7.35
CA ASP B 65 41.93 -6.10 7.17
C ASP B 65 42.08 -6.42 5.67
N GLY B 66 42.22 -7.70 5.34
CA GLY B 66 42.45 -8.12 3.98
C GLY B 66 41.25 -8.06 3.07
N ASP B 67 40.11 -7.51 3.55
CA ASP B 67 38.92 -7.34 2.70
C ASP B 67 38.90 -5.95 2.05
N GLU B 68 39.67 -4.98 2.59
CA GLU B 68 39.68 -3.62 2.03
C GLU B 68 40.47 -3.57 0.73
N GLN B 69 39.94 -2.84 -0.24
CA GLN B 69 40.58 -2.62 -1.54
C GLN B 69 40.50 -1.14 -1.83
N SER B 70 41.61 -0.56 -2.24
CA SER B 70 41.66 0.86 -2.56
C SER B 70 41.94 1.06 -4.03
N ARG B 71 41.31 2.08 -4.65
CA ARG B 71 41.58 2.39 -6.05
C ARG B 71 41.63 3.88 -6.21
N ARG B 72 42.52 4.35 -7.10
CA ARG B 72 42.58 5.77 -7.39
C ARG B 72 41.31 6.17 -8.19
N VAL B 73 40.76 7.36 -7.93
CA VAL B 73 39.64 7.85 -8.72
C VAL B 73 40.23 8.57 -9.96
N ALA B 74 39.97 8.05 -11.16
CA ALA B 74 40.50 8.59 -12.41
C ALA B 74 39.64 9.71 -12.98
N GLN B 75 38.33 9.67 -12.74
CA GLN B 75 37.43 10.67 -13.32
C GLN B 75 36.25 10.90 -12.39
N VAL B 76 35.79 12.16 -12.29
CA VAL B 76 34.63 12.56 -11.48
C VAL B 76 33.73 13.29 -12.46
N ILE B 77 32.58 12.71 -12.78
CA ILE B 77 31.66 13.30 -13.75
C ILE B 77 30.43 13.82 -13.04
N ILE B 78 30.16 15.12 -13.21
CA ILE B 78 29.03 15.80 -12.57
C ILE B 78 28.17 16.49 -13.63
N PRO B 79 26.82 16.55 -13.45
CA PRO B 79 25.99 17.23 -14.46
C PRO B 79 26.41 18.69 -14.58
N SER B 80 26.51 19.20 -15.80
CA SER B 80 26.84 20.62 -16.02
C SER B 80 25.83 21.55 -15.34
N THR B 81 24.57 21.09 -15.24
CA THR B 81 23.47 21.82 -14.61
C THR B 81 23.68 22.03 -13.08
N TYR B 82 24.45 21.16 -12.42
CA TYR B 82 24.69 21.27 -10.98
C TYR B 82 25.41 22.59 -10.66
N VAL B 83 24.96 23.29 -9.58
CA VAL B 83 25.59 24.52 -9.13
C VAL B 83 26.17 24.32 -7.75
N PRO B 84 27.51 24.37 -7.61
CA PRO B 84 28.12 24.26 -6.28
C PRO B 84 27.46 25.18 -5.25
N GLY B 85 27.25 24.64 -4.07
CA GLY B 85 26.58 25.35 -3.00
C GLY B 85 25.06 25.22 -3.00
N THR B 86 24.48 24.50 -3.99
CA THR B 86 23.03 24.28 -4.06
C THR B 86 22.70 22.76 -4.03
N THR B 87 21.41 22.41 -3.97
CA THR B 87 20.96 21.02 -3.87
C THR B 87 20.62 20.27 -5.17
N ASN B 88 20.13 20.96 -6.22
CA ASN B 88 19.66 20.24 -7.42
C ASN B 88 20.75 19.50 -8.20
N HIS B 89 20.43 18.30 -8.71
CA HIS B 89 21.35 17.51 -9.53
C HIS B 89 22.57 17.10 -8.74
N ASP B 90 22.33 16.62 -7.52
CA ASP B 90 23.39 16.22 -6.61
C ASP B 90 23.85 14.78 -6.87
N ILE B 91 24.59 14.59 -7.95
CA ILE B 91 25.04 13.25 -8.35
C ILE B 91 26.41 13.34 -9.02
N ALA B 92 27.26 12.36 -8.77
CA ALA B 92 28.57 12.29 -9.38
C ALA B 92 28.82 10.84 -9.75
N LEU B 93 29.41 10.63 -10.91
CA LEU B 93 29.75 9.32 -11.42
C LEU B 93 31.29 9.28 -11.46
N LEU B 94 31.87 8.32 -10.74
CA LEU B 94 33.30 8.22 -10.58
C LEU B 94 33.86 7.00 -11.28
N ARG B 95 34.92 7.20 -12.09
CA ARG B 95 35.60 6.08 -12.78
C ARG B 95 36.85 5.70 -11.97
N LEU B 96 36.97 4.44 -11.56
CA LEU B 96 38.15 3.96 -10.85
C LEU B 96 39.25 3.69 -11.88
N HIS B 97 40.49 3.96 -11.51
CA HIS B 97 41.64 3.80 -12.43
C HIS B 97 41.82 2.32 -12.82
N GLN B 98 41.58 1.43 -11.87
CA GLN B 98 41.64 -0.01 -12.11
C GLN B 98 40.40 -0.63 -11.45
N PRO B 99 39.82 -1.67 -12.04
CA PRO B 99 38.64 -2.28 -11.41
C PRO B 99 38.94 -2.87 -10.06
N VAL B 100 37.95 -2.87 -9.16
CA VAL B 100 38.07 -3.61 -7.90
C VAL B 100 37.81 -5.07 -8.23
N VAL B 101 38.24 -5.99 -7.35
CA VAL B 101 37.97 -7.40 -7.51
C VAL B 101 36.73 -7.75 -6.73
N LEU B 102 35.72 -8.36 -7.37
CA LEU B 102 34.52 -8.74 -6.63
C LEU B 102 34.81 -9.93 -5.69
N THR B 103 34.39 -9.81 -4.42
CA THR B 103 34.61 -10.84 -3.39
C THR B 103 33.34 -10.95 -2.51
N ASP B 104 33.33 -11.85 -1.49
CA ASP B 104 32.21 -11.90 -0.55
C ASP B 104 32.00 -10.54 0.16
N HIS B 105 33.03 -9.67 0.19
CA HIS B 105 32.94 -8.39 0.88
C HIS B 105 32.80 -7.16 -0.05
N VAL B 106 32.94 -7.36 -1.37
CA VAL B 106 32.91 -6.30 -2.36
C VAL B 106 32.02 -6.76 -3.50
N VAL B 107 30.82 -6.17 -3.61
CA VAL B 107 29.82 -6.55 -4.63
C VAL B 107 29.11 -5.26 -5.07
N PRO B 108 28.84 -5.06 -6.36
CA PRO B 108 28.13 -3.83 -6.77
C PRO B 108 26.64 -3.91 -6.46
N LEU B 109 26.03 -2.74 -6.36
CA LEU B 109 24.59 -2.60 -6.21
C LEU B 109 24.03 -2.43 -7.63
N CYS B 110 22.84 -3.02 -7.91
CA CYS B 110 22.32 -2.95 -9.28
C CYS B 110 21.86 -1.54 -9.57
N LEU B 111 22.30 -0.99 -10.69
CA LEU B 111 21.71 0.27 -11.17
C LEU B 111 20.48 -0.22 -11.99
N PRO B 112 19.27 0.20 -11.61
CA PRO B 112 18.07 -0.29 -12.31
C PRO B 112 17.73 0.47 -13.58
N GLU B 113 16.85 -0.09 -14.43
CA GLU B 113 16.30 0.67 -15.56
C GLU B 113 15.36 1.72 -14.98
N ARG B 114 15.19 2.84 -15.69
CA ARG B 114 14.34 3.93 -15.25
C ARG B 114 12.89 3.54 -15.02
N THR B 115 12.22 2.93 -16.01
CA THR B 115 10.79 2.61 -15.84
C THR B 115 10.54 1.64 -14.68
N PHE B 116 11.37 0.60 -14.52
CA PHE B 116 11.26 -0.32 -13.38
C PHE B 116 11.43 0.46 -12.04
N SER B 117 12.39 1.40 -12.00
CA SER B 117 12.62 2.17 -10.77
C SER B 117 11.43 3.11 -10.48
N GLU B 118 10.87 3.71 -11.53
CA GLU B 118 9.74 4.64 -11.35
C GLU B 118 8.40 3.99 -10.97
N ARG B 119 8.09 2.85 -11.59
CA ARG B 119 6.78 2.24 -11.38
C ARG B 119 6.77 1.09 -10.38
N THR B 120 7.95 0.56 -10.01
CA THR B 120 7.98 -0.57 -9.07
C THR B 120 8.81 -0.21 -7.82
N LEU B 121 10.10 0.11 -8.00
CA LEU B 121 10.94 0.39 -6.81
C LEU B 121 10.48 1.59 -6.03
N ALA B 122 9.92 2.60 -6.70
CA ALA B 122 9.47 3.80 -6.01
C ALA B 122 8.35 3.54 -5.00
N PHE B 123 7.65 2.41 -5.14
CA PHE B 123 6.52 2.09 -4.28
C PHE B 123 6.84 0.98 -3.24
N VAL B 124 8.13 0.57 -3.14
CA VAL B 124 8.57 -0.29 -2.08
C VAL B 124 8.74 0.69 -0.88
N ARG B 125 8.07 0.43 0.23
CA ARG B 125 8.05 1.36 1.35
C ARG B 125 9.43 1.66 1.93
N PHE B 126 10.14 0.63 2.36
CA PHE B 126 11.42 0.83 3.02
C PHE B 126 12.60 0.54 2.15
N SER B 127 13.69 1.27 2.41
CA SER B 127 14.99 1.11 1.77
C SER B 127 16.10 1.37 2.82
N LEU B 128 17.32 0.92 2.55
CA LEU B 128 18.40 1.11 3.50
C LEU B 128 19.28 2.26 3.10
N VAL B 129 19.70 3.04 4.08
CA VAL B 129 20.68 4.09 3.91
C VAL B 129 21.87 3.77 4.82
N SER B 130 23.10 4.09 4.37
CA SER B 130 24.26 3.72 5.16
C SER B 130 25.41 4.69 5.06
N GLY B 131 26.30 4.60 6.06
CA GLY B 131 27.52 5.40 6.05
C GLY B 131 28.23 5.49 7.38
N TRP B 132 29.40 6.17 7.33
CA TRP B 132 30.22 6.46 8.51
C TRP B 132 30.04 7.91 8.96
N GLY B 133 28.86 8.47 8.74
CA GLY B 133 28.59 9.84 9.12
C GLY B 133 28.30 10.06 10.58
N GLN B 134 27.82 11.25 10.89
CA GLN B 134 27.52 11.61 12.29
C GLN B 134 26.45 10.75 12.91
N LEU B 135 26.72 10.32 14.15
CA LEU B 135 25.78 9.52 14.95
C LEU B 135 24.68 10.40 15.62
N LEU B 136 24.89 11.71 15.61
CA LEU B 136 23.98 12.72 16.17
C LEU B 136 24.20 13.99 15.35
N ASP B 137 23.17 14.86 15.24
CA ASP B 137 23.33 16.13 14.51
C ASP B 137 24.51 16.96 15.07
N ARG B 138 25.48 17.29 14.21
CA ARG B 138 26.72 18.02 14.53
C ARG B 138 27.66 17.29 15.53
N GLY B 139 27.45 15.99 15.70
CA GLY B 139 28.26 15.18 16.60
C GLY B 139 29.40 14.46 15.90
N ALA B 140 30.00 13.49 16.59
CA ALA B 140 31.12 12.73 16.03
C ALA B 140 30.64 11.76 14.95
N THR B 141 31.52 11.42 14.04
CA THR B 141 31.21 10.46 12.99
C THR B 141 31.44 9.02 13.52
N ALA B 142 30.97 8.03 12.77
CA ALA B 142 31.06 6.63 13.16
C ALA B 142 32.34 5.92 12.73
N LEU B 143 32.83 5.02 13.59
CA LEU B 143 34.01 4.21 13.26
C LEU B 143 33.60 2.95 12.50
N GLU B 144 32.45 2.38 12.81
CA GLU B 144 31.96 1.19 12.10
C GLU B 144 30.78 1.61 11.23
N LEU B 145 30.70 1.04 10.02
CA LEU B 145 29.63 1.38 9.07
C LEU B 145 28.25 1.20 9.68
N MET B 146 27.42 2.24 9.62
N MET B 146 27.43 2.23 9.60
CA MET B 146 26.06 2.23 10.17
CA MET B 146 26.07 2.20 10.13
C MET B 146 25.02 2.14 9.06
C MET B 146 25.04 2.04 9.01
N VAL B 147 23.87 1.52 9.35
CA VAL B 147 22.81 1.32 8.37
C VAL B 147 21.45 1.58 9.04
N LEU B 148 20.48 2.03 8.26
CA LEU B 148 19.18 2.40 8.80
C LEU B 148 18.10 2.13 7.76
N ASN B 149 16.93 1.64 8.20
CA ASN B 149 15.82 1.40 7.27
C ASN B 149 14.92 2.66 7.30
N VAL B 150 14.64 3.25 6.14
CA VAL B 150 13.81 4.46 6.08
C VAL B 150 12.66 4.30 5.09
N PRO B 151 11.46 4.81 5.43
CA PRO B 151 10.34 4.74 4.49
C PRO B 151 10.33 5.95 3.54
N ARG B 152 9.92 5.73 2.29
CA ARG B 152 9.89 6.77 1.27
C ARG B 152 8.56 7.50 1.25
N LEU B 153 8.59 8.77 0.91
CA LEU B 153 7.39 9.58 0.76
C LEU B 153 7.33 10.17 -0.64
N MET B 154 6.11 10.33 -1.17
CA MET B 154 5.91 11.12 -2.38
C MET B 154 6.10 12.59 -1.94
N THR B 155 6.60 13.41 -2.85
CA THR B 155 6.99 14.78 -2.52
C THR B 155 5.83 15.62 -1.98
N GLN B 156 4.62 15.43 -2.51
CA GLN B 156 3.45 16.16 -2.01
C GLN B 156 3.24 15.87 -0.51
N ASP B 157 3.39 14.58 -0.09
CA ASP B 157 3.28 14.22 1.32
C ASP B 157 4.43 14.81 2.14
N CYS B 158 5.63 14.81 1.60
CA CYS B 158 6.80 15.32 2.32
C CYS B 158 6.62 16.81 2.61
N LEU B 159 6.14 17.56 1.61
CA LEU B 159 5.90 18.99 1.78
C LEU B 159 4.77 19.22 2.82
N GLN B 160 3.68 18.47 2.72
CA GLN B 160 2.56 18.62 3.64
C GLN B 160 2.90 18.23 5.07
N GLN B 161 3.84 17.29 5.30
CA GLN B 161 4.20 16.83 6.63
C GLN B 161 5.44 17.47 7.22
N SER B 162 6.09 18.38 6.47
CA SER B 162 7.30 19.01 6.98
C SER B 162 7.00 20.36 7.56
N ARG B 163 7.70 20.69 8.65
CA ARG B 163 7.58 22.00 9.26
C ARG B 163 8.21 23.03 8.32
N LYS B 164 7.51 24.11 8.05
CA LYS B 164 7.99 25.16 7.17
C LYS B 164 9.27 25.83 7.71
N VAL B 165 10.24 26.02 6.83
CA VAL B 165 11.51 26.70 7.15
C VAL B 165 11.63 27.80 6.10
N GLY B 166 11.77 29.04 6.53
CA GLY B 166 11.86 30.17 5.61
C GLY B 166 12.99 30.02 4.61
N ASP B 167 12.70 30.24 3.32
CA ASP B 167 13.66 30.16 2.21
C ASP B 167 14.38 28.81 2.09
N SER B 168 13.73 27.71 2.48
CA SER B 168 14.33 26.39 2.39
C SER B 168 14.46 25.98 0.89
N PRO B 169 15.39 25.08 0.58
CA PRO B 169 15.56 24.67 -0.82
C PRO B 169 14.34 23.95 -1.37
N ASN B 170 14.06 24.10 -2.68
CA ASN B 170 12.92 23.40 -3.29
C ASN B 170 13.22 21.91 -3.40
N ILE B 171 12.21 21.06 -3.21
CA ILE B 171 12.37 19.62 -3.43
C ILE B 171 11.91 19.40 -4.85
N THR B 172 12.87 19.17 -5.74
CA THR B 172 12.60 19.07 -7.18
C THR B 172 12.25 17.64 -7.64
N GLU B 173 11.95 17.48 -8.96
CA GLU B 173 11.70 16.15 -9.51
C GLU B 173 12.97 15.28 -9.50
N TYR B 174 14.16 15.88 -9.24
CA TYR B 174 15.45 15.18 -9.18
C TYR B 174 15.80 14.75 -7.73
N MET B 175 14.80 14.77 -6.83
CA MET B 175 14.97 14.42 -5.42
C MET B 175 13.75 13.67 -4.91
N PHE B 176 13.90 13.03 -3.75
CA PHE B 176 12.76 12.43 -3.04
C PHE B 176 13.05 12.45 -1.55
N CYS B 177 12.01 12.43 -0.71
CA CYS B 177 12.11 12.41 0.74
C CYS B 177 12.05 10.96 1.24
N ALA B 178 12.74 10.69 2.33
CA ALA B 178 12.64 9.41 3.01
C ALA B 178 13.06 9.61 4.47
N GLY B 179 12.46 8.86 5.36
CA GLY B 179 12.83 8.94 6.76
C GLY B 179 11.68 9.16 7.69
N TYR B 180 11.99 9.82 8.82
CA TYR B 180 11.04 10.02 9.89
C TYR B 180 11.08 11.47 10.34
N SER B 181 9.92 12.03 10.65
CA SER B 181 9.86 13.42 11.10
C SER B 181 9.78 13.54 12.65
N ASP B 182 10.00 12.45 13.38
CA ASP B 182 9.87 12.50 14.84
C ASP B 182 11.20 12.69 15.60
N GLY B 183 12.28 12.97 14.88
CA GLY B 183 13.59 13.19 15.50
C GLY B 183 14.31 11.95 15.98
N SER B 184 13.91 10.76 15.50
CA SER B 184 14.54 9.53 16.01
C SER B 184 15.60 8.92 15.13
N LYS B 185 15.44 9.01 13.81
CA LYS B 185 16.29 8.26 12.88
C LYS B 185 16.44 9.03 11.58
N ASP B 186 17.65 9.04 11.02
CA ASP B 186 17.88 9.71 9.74
C ASP B 186 19.32 9.48 9.32
N SER B 187 19.63 9.78 8.06
N SER B 187 19.62 9.79 8.06
CA SER B 187 21.01 9.81 7.61
CA SER B 187 21.00 9.81 7.59
C SER B 187 21.52 11.23 7.99
C SER B 187 21.52 11.23 7.98
N CYS B 188 22.83 11.50 7.87
CA CYS B 188 23.38 12.79 8.28
C CYS B 188 24.54 13.25 7.39
N LYS B 189 25.06 14.50 7.57
N LYS B 189 25.19 14.40 7.77
CA LYS B 189 26.10 15.08 6.71
CA LYS B 189 26.41 14.90 7.20
C LYS B 189 27.21 14.11 6.24
C LYS B 189 27.48 13.87 7.53
N GLY B 190 27.79 13.37 7.18
N GLY B 190 28.24 13.52 6.52
CA GLY B 190 28.87 12.43 6.91
CA GLY B 190 29.22 12.46 6.60
C GLY B 190 28.51 11.23 6.05
C GLY B 190 28.77 11.26 5.78
N ASP B 191 27.21 10.99 5.86
N ASP B 191 27.45 10.98 5.80
CA ASP B 191 26.72 9.89 5.02
CA ASP B 191 26.83 9.90 5.01
C ASP B 191 26.51 10.30 3.55
C ASP B 191 26.63 10.29 3.55
N SER B 192 26.70 11.61 3.23
CA SER B 192 26.50 12.14 1.88
C SER B 192 27.20 11.33 0.81
N GLY B 193 26.49 11.10 -0.29
CA GLY B 193 27.04 10.29 -1.37
C GLY B 193 26.74 8.81 -1.22
N GLY B 194 26.39 8.36 -0.02
CA GLY B 194 26.11 6.94 0.21
C GLY B 194 24.82 6.45 -0.45
N PRO B 195 24.63 5.14 -0.44
CA PRO B 195 23.43 4.57 -1.09
C PRO B 195 22.15 4.65 -0.28
N HIS B 196 21.02 4.73 -1.00
CA HIS B 196 19.67 4.48 -0.54
C HIS B 196 19.32 3.28 -1.46
N ALA B 197 19.37 2.04 -0.88
CA ALA B 197 19.27 0.79 -1.60
C ALA B 197 17.92 0.15 -1.34
N THR B 198 17.26 -0.33 -2.40
CA THR B 198 15.93 -0.89 -2.28
C THR B 198 15.93 -2.36 -2.65
N HIS B 199 15.34 -3.20 -1.79
CA HIS B 199 15.25 -4.64 -1.98
C HIS B 199 13.96 -4.96 -2.70
N TYR B 200 14.06 -5.71 -3.81
CA TYR B 200 12.88 -6.09 -4.60
C TYR B 200 13.04 -7.50 -5.16
N ARG B 201 12.14 -8.42 -4.73
CA ARG B 201 12.14 -9.81 -5.18
C ARG B 201 13.52 -10.45 -5.28
N GLY B 202 14.29 -10.32 -4.19
CA GLY B 202 15.59 -10.96 -4.05
C GLY B 202 16.80 -10.21 -4.57
N THR B 203 16.63 -8.98 -5.09
CA THR B 203 17.77 -8.22 -5.59
C THR B 203 17.71 -6.81 -5.05
N TRP B 204 18.90 -6.23 -4.76
CA TRP B 204 19.00 -4.87 -4.23
C TRP B 204 19.36 -3.91 -5.36
N TYR B 205 18.73 -2.72 -5.36
CA TYR B 205 18.91 -1.72 -6.41
C TYR B 205 19.21 -0.34 -5.86
N LEU B 206 19.96 0.43 -6.61
CA LEU B 206 20.27 1.80 -6.24
C LEU B 206 19.10 2.73 -6.60
N THR B 207 18.45 3.31 -5.59
CA THR B 207 17.33 4.24 -5.86
C THR B 207 17.61 5.68 -5.45
N GLY B 208 18.55 5.86 -4.51
CA GLY B 208 18.84 7.22 -4.07
C GLY B 208 20.28 7.42 -3.62
N ILE B 209 20.64 8.68 -3.43
CA ILE B 209 21.97 9.07 -2.93
C ILE B 209 21.71 9.98 -1.76
N VAL B 210 22.40 9.76 -0.62
CA VAL B 210 22.25 10.66 0.55
C VAL B 210 22.69 12.06 0.11
N SER B 211 21.80 13.04 0.22
CA SER B 211 22.09 14.35 -0.36
C SER B 211 22.01 15.53 0.63
N TRP B 212 20.85 15.78 1.22
CA TRP B 212 20.69 16.91 2.13
C TRP B 212 19.49 16.71 3.08
N GLY B 213 19.26 17.71 3.92
CA GLY B 213 18.16 17.75 4.88
C GLY B 213 18.33 18.97 5.79
N GLN B 214 17.38 19.18 6.69
CA GLN B 214 17.42 20.26 7.66
C GLN B 214 17.98 19.63 8.91
N GLY B 215 19.26 19.87 9.18
CA GLY B 215 19.94 19.21 10.30
C GLY B 215 19.99 17.70 10.05
N CYS B 216 19.88 16.90 11.09
CA CYS B 216 19.85 15.43 11.01
C CYS B 216 18.90 14.97 12.07
N ALA B 217 17.85 14.25 11.68
CA ALA B 217 16.81 13.75 12.59
C ALA B 217 16.23 14.93 13.37
N THR B 218 15.87 15.98 12.64
CA THR B 218 15.27 17.18 13.20
C THR B 218 13.77 16.95 13.16
N VAL B 219 13.07 17.24 14.28
CA VAL B 219 11.60 17.08 14.31
C VAL B 219 10.94 17.93 13.23
N GLY B 220 9.99 17.34 12.51
CA GLY B 220 9.29 18.04 11.43
C GLY B 220 9.99 17.98 10.09
N HIS B 221 11.07 17.19 9.97
CA HIS B 221 11.84 17.14 8.72
C HIS B 221 12.26 15.73 8.34
N PHE B 222 12.35 15.48 7.02
CA PHE B 222 12.76 14.20 6.43
C PHE B 222 14.14 14.38 5.71
N GLY B 223 14.80 13.26 5.47
CA GLY B 223 16.02 13.27 4.69
C GLY B 223 15.66 13.44 3.22
N VAL B 224 16.52 14.11 2.45
CA VAL B 224 16.27 14.33 1.02
C VAL B 224 17.38 13.61 0.25
N TYR B 225 16.99 12.90 -0.81
CA TYR B 225 17.90 12.04 -1.53
C TYR B 225 17.83 12.33 -3.00
N THR B 226 18.95 12.18 -3.71
CA THR B 226 18.94 12.35 -5.16
C THR B 226 18.14 11.21 -5.78
N ARG B 227 17.25 11.55 -6.69
CA ARG B 227 16.36 10.60 -7.36
C ARG B 227 17.06 9.98 -8.54
N VAL B 228 17.75 8.84 -8.27
CA VAL B 228 18.62 8.20 -9.26
C VAL B 228 17.90 7.82 -10.55
N SER B 229 16.61 7.44 -10.48
CA SER B 229 15.85 7.08 -11.69
C SER B 229 15.92 8.17 -12.78
N GLN B 230 16.07 9.43 -12.39
CA GLN B 230 16.13 10.53 -13.36
C GLN B 230 17.46 10.56 -14.15
N TYR B 231 18.48 9.84 -13.68
CA TYR B 231 19.81 9.88 -14.26
C TYR B 231 20.27 8.60 -14.93
N ILE B 232 19.40 7.57 -15.03
CA ILE B 232 19.83 6.27 -15.58
C ILE B 232 20.48 6.39 -16.97
N GLU B 233 19.78 7.04 -17.91
CA GLU B 233 20.30 7.17 -19.27
C GLU B 233 21.59 8.00 -19.30
N TRP B 234 21.64 9.07 -18.48
CA TRP B 234 22.82 9.93 -18.34
C TRP B 234 24.04 9.10 -17.85
N LEU B 235 23.84 8.31 -16.78
CA LEU B 235 24.90 7.43 -16.22
C LEU B 235 25.31 6.36 -17.24
N GLN B 236 24.33 5.69 -17.88
CA GLN B 236 24.66 4.64 -18.86
C GLN B 236 25.52 5.13 -20.02
N LYS B 237 25.17 6.29 -20.58
CA LYS B 237 25.94 6.84 -21.69
C LYS B 237 27.34 7.22 -21.25
N LEU B 238 27.48 7.82 -20.06
CA LEU B 238 28.78 8.23 -19.56
C LEU B 238 29.67 7.05 -19.20
N MET B 239 29.08 5.94 -18.75
CA MET B 239 29.88 4.74 -18.47
C MET B 239 30.50 4.13 -19.73
N ARG B 240 29.92 4.42 -20.92
CA ARG B 240 30.43 3.97 -22.23
C ARG B 240 31.45 4.98 -22.83
N SER B 241 31.67 6.14 -22.19
CA SER B 241 32.54 7.18 -22.71
C SER B 241 34.01 6.89 -22.52
N GLU B 242 34.83 7.53 -23.35
CA GLU B 242 36.27 7.37 -23.28
C GLU B 242 36.82 8.22 -22.17
N PRO B 243 37.87 7.74 -21.48
CA PRO B 243 38.51 8.58 -20.47
C PRO B 243 39.13 9.87 -21.04
N ARG B 244 39.25 10.90 -20.21
CA ARG B 244 39.78 12.22 -20.60
C ARG B 244 41.05 12.58 -19.78
N PRO B 245 41.88 13.56 -20.21
CA PRO B 245 43.10 13.86 -19.44
C PRO B 245 42.87 14.36 -18.00
N GLY B 246 41.90 15.25 -17.80
CA GLY B 246 41.64 15.78 -16.47
C GLY B 246 40.68 14.91 -15.67
N VAL B 247 40.65 15.09 -14.35
CA VAL B 247 39.78 14.27 -13.51
C VAL B 247 38.33 14.72 -13.59
N LEU B 248 38.08 16.01 -13.34
CA LEU B 248 36.71 16.52 -13.38
C LEU B 248 36.16 16.65 -14.80
N LEU B 249 34.91 16.20 -14.98
CA LEU B 249 34.19 16.38 -16.22
C LEU B 249 32.80 16.88 -15.84
N ARG B 250 32.44 18.08 -16.33
CA ARG B 250 31.09 18.58 -16.15
C ARG B 250 30.42 18.21 -17.46
N ALA B 251 29.60 17.14 -17.44
CA ALA B 251 28.93 16.57 -18.62
C ALA B 251 27.52 17.14 -18.82
N PRO B 252 27.08 17.35 -20.07
CA PRO B 252 25.73 17.90 -20.27
C PRO B 252 24.64 17.00 -19.69
N PHE B 253 23.60 17.62 -19.14
CA PHE B 253 22.42 16.94 -18.61
C PHE B 253 21.20 17.70 -19.18
N PRO B 254 20.23 17.02 -19.81
CA PRO B 254 20.09 15.57 -19.93
C PRO B 254 21.08 14.87 -20.89
N THR C 38 -4.23 18.25 -15.31
CA THR C 38 -5.08 17.37 -14.52
C THR C 38 -5.62 18.05 -13.26
N VAL C 39 -6.67 17.46 -12.65
CA VAL C 39 -7.22 17.94 -11.38
C VAL C 39 -7.13 16.77 -10.38
N ALA C 40 -6.88 17.07 -9.10
CA ALA C 40 -6.80 16.02 -8.08
C ALA C 40 -8.18 15.51 -7.74
N ALA C 41 -8.27 14.22 -7.38
CA ALA C 41 -9.53 13.66 -6.91
C ALA C 41 -9.87 14.27 -5.55
N TYR C 42 -11.14 14.29 -5.21
CA TYR C 42 -11.60 14.85 -3.94
C TYR C 42 -12.82 14.07 -3.43
N ASN C 43 -13.17 14.29 -2.15
CA ASN C 43 -14.29 13.60 -1.52
C ASN C 43 -14.12 12.09 -1.58
N LEU C 44 -12.90 11.59 -1.28
CA LEU C 44 -12.61 10.17 -1.25
C LEU C 44 -13.35 9.58 -0.09
N THR C 45 -14.20 8.57 -0.36
CA THR C 45 -15.08 7.99 0.64
C THR C 45 -15.04 6.47 0.56
N TRP C 46 -15.04 5.82 1.71
CA TRP C 46 -15.04 4.37 1.78
C TRP C 46 -16.48 3.88 1.90
N LYS C 47 -16.88 2.96 1.01
CA LYS C 47 -18.19 2.31 1.00
C LYS C 47 -17.97 0.84 1.29
N SER C 48 -18.31 0.38 2.50
CA SER C 48 -18.00 -0.99 2.89
C SER C 48 -19.11 -1.67 3.67
N THR C 49 -19.53 -2.88 3.24
CA THR C 49 -20.53 -3.69 3.95
C THR C 49 -20.06 -5.13 3.93
N ASN C 50 -19.97 -5.80 5.11
CA ASN C 50 -19.49 -7.19 5.20
C ASN C 50 -18.16 -7.40 4.45
N PHE C 51 -17.30 -6.37 4.50
CA PHE C 51 -15.96 -6.33 3.93
C PHE C 51 -15.92 -6.13 2.43
N LYS C 52 -17.08 -6.03 1.73
CA LYS C 52 -17.06 -5.65 0.31
C LYS C 52 -16.79 -4.15 0.36
N THR C 53 -15.59 -3.73 -0.06
CA THR C 53 -15.10 -2.38 0.16
C THR C 53 -14.73 -1.66 -1.11
N ILE C 54 -15.42 -0.55 -1.36
CA ILE C 54 -15.24 0.24 -2.56
C ILE C 54 -14.87 1.64 -2.21
N LEU C 55 -13.76 2.14 -2.78
CA LEU C 55 -13.38 3.53 -2.59
C LEU C 55 -14.09 4.33 -3.67
N GLU C 56 -14.71 5.44 -3.33
CA GLU C 56 -15.38 6.32 -4.30
C GLU C 56 -14.78 7.71 -4.24
N TRP C 57 -14.81 8.43 -5.36
CA TRP C 57 -14.30 9.79 -5.38
C TRP C 57 -14.99 10.64 -6.44
N GLU C 58 -14.62 11.93 -6.49
CA GLU C 58 -15.02 12.92 -7.47
C GLU C 58 -13.69 13.49 -8.05
N PRO C 59 -13.72 14.14 -9.21
CA PRO C 59 -14.88 14.34 -10.09
C PRO C 59 -14.90 13.31 -11.21
N LYS C 60 -15.94 13.34 -12.04
CA LYS C 60 -15.98 12.54 -13.28
C LYS C 60 -14.86 13.08 -14.18
N PRO C 61 -14.03 12.19 -14.73
CA PRO C 61 -12.84 12.66 -15.43
C PRO C 61 -13.06 13.25 -16.81
N VAL C 62 -12.27 14.28 -17.11
CA VAL C 62 -12.27 14.99 -18.37
C VAL C 62 -10.83 15.05 -18.82
N ASN C 63 -10.51 14.36 -19.92
CA ASN C 63 -9.13 14.29 -20.43
C ASN C 63 -8.14 13.80 -19.37
N GLN C 64 -8.59 12.88 -18.51
CA GLN C 64 -7.73 12.31 -17.48
C GLN C 64 -8.25 10.95 -17.04
N VAL C 65 -7.35 10.12 -16.55
CA VAL C 65 -7.68 8.79 -16.06
C VAL C 65 -7.09 8.64 -14.65
N TYR C 66 -7.50 7.60 -13.92
CA TYR C 66 -7.07 7.41 -12.56
C TYR C 66 -6.40 6.07 -12.34
N THR C 67 -5.58 5.97 -11.31
CA THR C 67 -5.07 4.70 -10.81
C THR C 67 -5.14 4.83 -9.29
N VAL C 68 -5.55 3.77 -8.61
CA VAL C 68 -5.60 3.81 -7.13
C VAL C 68 -4.46 3.00 -6.55
N GLN C 69 -3.90 3.44 -5.42
CA GLN C 69 -2.94 2.64 -4.69
C GLN C 69 -3.48 2.46 -3.28
N ILE C 70 -3.12 1.36 -2.65
CA ILE C 70 -3.51 1.08 -1.27
C ILE C 70 -2.32 0.47 -0.53
N SER C 71 -2.18 0.78 0.76
CA SER C 71 -1.13 0.18 1.58
C SER C 71 -1.58 0.13 3.05
N THR C 72 -0.87 -0.66 3.85
CA THR C 72 -0.94 -0.58 5.30
C THR C 72 0.14 0.46 5.69
N LYS C 73 0.18 0.92 6.96
CA LYS C 73 1.12 1.97 7.36
C LYS C 73 2.57 1.64 7.08
N SER C 74 2.94 0.37 7.17
CA SER C 74 4.32 -0.03 6.90
C SER C 74 4.54 -0.90 5.65
N GLY C 75 3.47 -1.20 4.91
CA GLY C 75 3.60 -2.05 3.73
C GLY C 75 3.87 -1.30 2.42
N ASP C 76 4.13 -2.05 1.36
CA ASP C 76 4.32 -1.47 0.04
C ASP C 76 2.99 -1.03 -0.54
N TRP C 77 3.03 -0.11 -1.50
CA TRP C 77 1.82 0.35 -2.16
C TRP C 77 1.45 -0.63 -3.27
N LYS C 78 0.18 -1.04 -3.30
CA LYS C 78 -0.34 -1.96 -4.33
C LYS C 78 -1.21 -1.15 -5.27
N SER C 79 -1.04 -1.27 -6.59
CA SER C 79 -1.87 -0.52 -7.52
C SER C 79 -3.11 -1.33 -7.91
N LYS C 80 -4.22 -0.63 -8.16
CA LYS C 80 -5.50 -1.25 -8.56
C LYS C 80 -6.23 -0.28 -9.52
N CYS C 81 -7.20 -0.82 -10.29
CA CYS C 81 -8.06 0.01 -11.16
C CYS C 81 -7.23 0.89 -12.10
N PHE C 82 -6.27 0.26 -12.77
CA PHE C 82 -5.27 0.90 -13.64
C PHE C 82 -5.86 1.73 -14.76
N TYR C 83 -5.55 3.02 -14.78
CA TYR C 83 -5.99 3.97 -15.83
C TYR C 83 -7.50 3.90 -16.08
N THR C 84 -8.27 3.83 -15.00
CA THR C 84 -9.71 3.75 -15.12
C THR C 84 -10.30 5.11 -15.38
N THR C 85 -11.45 5.14 -16.05
CA THR C 85 -12.23 6.38 -16.18
C THR C 85 -13.40 6.38 -15.13
N ASP C 86 -13.56 5.28 -14.37
CA ASP C 86 -14.56 5.14 -13.29
C ASP C 86 -14.17 6.09 -12.14
N THR C 87 -15.12 6.42 -11.28
CA THR C 87 -14.85 7.19 -10.07
C THR C 87 -15.03 6.32 -8.82
N GLU C 88 -14.73 5.02 -8.96
CA GLU C 88 -14.78 4.04 -7.90
C GLU C 88 -13.74 2.95 -8.15
N CYS C 89 -13.39 2.26 -7.08
CA CYS C 89 -12.43 1.19 -7.17
C CYS C 89 -12.70 0.17 -6.12
N ASP C 90 -12.94 -1.06 -6.55
CA ASP C 90 -13.13 -2.16 -5.60
C ASP C 90 -11.76 -2.54 -4.99
N LEU C 91 -11.63 -2.36 -3.67
CA LEU C 91 -10.42 -2.68 -2.94
C LEU C 91 -10.60 -3.89 -2.00
N THR C 92 -11.72 -4.63 -2.14
CA THR C 92 -12.07 -5.79 -1.33
C THR C 92 -10.92 -6.79 -1.25
N ASP C 93 -10.37 -7.21 -2.41
CA ASP C 93 -9.32 -8.23 -2.45
C ASP C 93 -8.05 -7.82 -1.69
N GLU C 94 -7.79 -6.51 -1.51
CA GLU C 94 -6.63 -6.04 -0.76
C GLU C 94 -6.91 -5.95 0.76
N ILE C 95 -8.11 -5.46 1.15
CA ILE C 95 -8.41 -5.28 2.57
C ILE C 95 -8.71 -6.63 3.26
N VAL C 96 -9.22 -7.63 2.53
CA VAL C 96 -9.53 -8.93 3.12
C VAL C 96 -8.28 -9.76 3.42
N LYS C 97 -7.08 -9.33 2.98
CA LYS C 97 -5.82 -9.98 3.32
C LYS C 97 -5.61 -9.93 4.86
N ASP C 98 -6.05 -8.83 5.51
CA ASP C 98 -6.02 -8.63 6.96
C ASP C 98 -7.02 -7.55 7.31
N VAL C 99 -8.26 -7.95 7.66
CA VAL C 99 -9.32 -6.98 7.99
C VAL C 99 -9.05 -6.11 9.20
N LYS C 100 -8.11 -6.52 10.07
CA LYS C 100 -7.75 -5.76 11.26
C LYS C 100 -6.68 -4.69 11.04
N GLN C 101 -6.03 -4.67 9.86
CA GLN C 101 -5.04 -3.65 9.54
C GLN C 101 -5.72 -2.31 9.21
N THR C 102 -4.94 -1.24 9.22
CA THR C 102 -5.44 0.09 8.89
C THR C 102 -4.87 0.46 7.51
N TYR C 103 -5.75 0.74 6.56
CA TYR C 103 -5.35 1.00 5.17
C TYR C 103 -5.45 2.44 4.80
N LEU C 104 -4.55 2.91 3.93
CA LEU C 104 -4.64 4.25 3.38
C LEU C 104 -4.61 4.04 1.86
N ALA C 105 -5.50 4.74 1.18
CA ALA C 105 -5.54 4.64 -0.27
C ALA C 105 -5.22 6.02 -0.83
N ARG C 106 -4.83 6.09 -2.11
CA ARG C 106 -4.63 7.37 -2.76
C ARG C 106 -5.00 7.22 -4.22
N VAL C 107 -5.60 8.27 -4.78
CA VAL C 107 -6.06 8.25 -6.16
C VAL C 107 -5.15 9.16 -6.98
N PHE C 108 -4.46 8.60 -7.97
CA PHE C 108 -3.55 9.34 -8.85
C PHE C 108 -4.36 9.81 -10.08
N SER C 109 -4.11 11.06 -10.56
CA SER C 109 -4.75 11.59 -11.76
C SER C 109 -3.65 11.66 -12.83
N TYR C 110 -3.92 11.09 -14.00
CA TYR C 110 -2.95 11.08 -15.09
C TYR C 110 -3.58 11.76 -16.30
N PRO C 111 -2.83 12.61 -17.01
CA PRO C 111 -3.40 13.25 -18.22
C PRO C 111 -3.61 12.25 -19.33
N ALA C 112 -4.73 12.35 -20.07
CA ALA C 112 -4.98 11.44 -21.18
C ALA C 112 -3.91 11.61 -22.27
N GLY C 113 -3.49 12.85 -22.51
CA GLY C 113 -2.44 13.14 -23.50
C GLY C 113 -1.59 14.34 -23.12
N GLY C 122 7.41 14.97 -12.28
CA GLY C 122 7.30 13.57 -12.66
C GLY C 122 6.20 12.85 -11.90
N GLU C 123 6.06 13.13 -10.60
CA GLU C 123 5.01 12.49 -9.81
C GLU C 123 3.65 13.11 -10.17
N PRO C 124 2.63 12.27 -10.35
CA PRO C 124 1.31 12.81 -10.70
C PRO C 124 0.63 13.51 -9.53
N LEU C 125 -0.45 14.25 -9.83
CA LEU C 125 -1.29 14.81 -8.78
C LEU C 125 -2.04 13.64 -8.15
N TYR C 126 -2.28 13.73 -6.85
CA TYR C 126 -3.02 12.70 -6.15
C TYR C 126 -3.64 13.24 -4.87
N GLU C 127 -4.56 12.45 -4.29
CA GLU C 127 -5.19 12.79 -3.04
C GLU C 127 -5.26 11.51 -2.18
N ASN C 128 -4.95 11.63 -0.88
CA ASN C 128 -5.03 10.50 0.04
C ASN C 128 -6.48 10.36 0.51
N SER C 129 -6.85 9.14 0.82
CA SER C 129 -8.17 8.83 1.36
C SER C 129 -8.11 8.98 2.90
N PRO C 130 -9.27 8.90 3.61
CA PRO C 130 -9.18 8.74 5.06
C PRO C 130 -8.59 7.34 5.35
N GLU C 131 -8.06 7.13 6.55
CA GLU C 131 -7.61 5.81 6.97
C GLU C 131 -8.86 4.91 7.08
N PHE C 132 -8.70 3.61 6.84
CA PHE C 132 -9.82 2.68 6.93
C PHE C 132 -9.39 1.36 7.59
N THR C 133 -10.02 1.02 8.72
CA THR C 133 -9.72 -0.24 9.41
C THR C 133 -10.97 -1.12 9.25
N PRO C 134 -10.95 -2.11 8.32
CA PRO C 134 -12.18 -2.86 8.00
C PRO C 134 -12.93 -3.47 9.19
N TYR C 135 -12.22 -4.13 10.09
CA TYR C 135 -12.82 -4.78 11.26
C TYR C 135 -13.60 -3.80 12.12
N LEU C 136 -13.13 -2.56 12.25
CA LEU C 136 -13.80 -1.58 13.07
C LEU C 136 -14.86 -0.74 12.35
N GLU C 137 -14.77 -0.66 11.00
CA GLU C 137 -15.60 0.27 10.24
C GLU C 137 -16.58 -0.30 9.24
N THR C 138 -16.38 -1.54 8.76
CA THR C 138 -17.30 -2.09 7.75
C THR C 138 -18.74 -2.16 8.28
N ASN C 139 -19.73 -1.80 7.44
CA ASN C 139 -21.12 -1.88 7.86
C ASN C 139 -21.50 -3.36 8.02
N LEU C 140 -22.33 -3.68 9.02
CA LEU C 140 -22.78 -5.07 9.19
C LEU C 140 -23.99 -5.22 8.25
N GLY C 141 -23.97 -6.25 7.44
CA GLY C 141 -25.03 -6.49 6.46
C GLY C 141 -26.38 -6.81 7.07
N GLN C 142 -27.42 -6.72 6.25
CA GLN C 142 -28.77 -7.04 6.70
C GLN C 142 -28.90 -8.55 6.95
N PRO C 143 -29.34 -8.94 8.15
CA PRO C 143 -29.50 -10.36 8.44
C PRO C 143 -30.83 -10.94 7.94
N THR C 144 -30.95 -12.26 7.97
CA THR C 144 -32.18 -12.95 7.59
C THR C 144 -32.53 -14.00 8.63
N ILE C 145 -33.80 -14.07 9.03
CA ILE C 145 -34.27 -15.11 9.93
C ILE C 145 -34.39 -16.35 9.07
N GLN C 146 -33.63 -17.37 9.40
CA GLN C 146 -33.61 -18.62 8.67
C GLN C 146 -34.83 -19.48 9.00
N SER C 147 -35.20 -19.51 10.28
CA SER C 147 -36.31 -20.33 10.71
C SER C 147 -36.77 -19.98 12.14
N PHE C 148 -37.95 -20.43 12.48
CA PHE C 148 -38.47 -20.33 13.82
C PHE C 148 -39.30 -21.58 14.08
N GLU C 149 -39.20 -22.12 15.29
CA GLU C 149 -39.94 -23.34 15.63
C GLU C 149 -40.48 -23.28 17.02
N GLN C 150 -41.73 -23.67 17.18
CA GLN C 150 -42.34 -23.77 18.48
C GLN C 150 -41.92 -25.12 19.06
N VAL C 151 -41.42 -25.10 20.29
CA VAL C 151 -41.01 -26.32 20.98
C VAL C 151 -41.87 -26.55 22.24
N GLY C 152 -43.13 -26.11 22.19
CA GLY C 152 -44.08 -26.18 23.30
C GLY C 152 -44.45 -24.79 23.75
N THR C 153 -43.97 -24.39 24.93
CA THR C 153 -44.21 -23.03 25.43
C THR C 153 -43.04 -22.06 25.06
N LYS C 154 -42.10 -22.50 24.21
CA LYS C 154 -40.97 -21.68 23.81
C LYS C 154 -40.79 -21.69 22.30
N VAL C 155 -40.04 -20.71 21.77
CA VAL C 155 -39.79 -20.63 20.35
C VAL C 155 -38.30 -20.46 20.11
N ASN C 156 -37.74 -21.26 19.22
CA ASN C 156 -36.35 -21.10 18.83
C ASN C 156 -36.36 -20.26 17.55
N VAL C 157 -35.54 -19.22 17.48
CA VAL C 157 -35.45 -18.38 16.28
C VAL C 157 -34.01 -18.49 15.79
N THR C 158 -33.79 -18.92 14.54
CA THR C 158 -32.44 -19.08 14.01
C THR C 158 -32.13 -18.02 12.98
N VAL C 159 -30.96 -17.40 13.10
CA VAL C 159 -30.48 -16.37 12.20
C VAL C 159 -29.58 -17.05 11.17
N GLU C 160 -29.81 -16.76 9.88
CA GLU C 160 -28.99 -17.32 8.81
C GLU C 160 -27.56 -16.84 8.98
N ASP C 161 -26.55 -17.70 8.68
CA ASP C 161 -25.15 -17.25 8.75
C ASP C 161 -24.95 -16.11 7.73
N GLU C 162 -24.49 -14.94 8.17
CA GLU C 162 -24.29 -13.79 7.26
C GLU C 162 -22.98 -13.94 6.52
N ARG C 163 -23.04 -14.17 5.19
N ARG C 163 -23.04 -14.09 5.20
CA ARG C 163 -21.80 -14.33 4.41
CA ARG C 163 -21.86 -14.25 4.37
C ARG C 163 -21.05 -13.01 4.21
C ARG C 163 -21.04 -12.95 4.25
N THR C 164 -19.71 -13.06 4.32
CA THR C 164 -18.84 -11.88 4.16
C THR C 164 -17.92 -12.12 2.94
N LEU C 165 -17.19 -11.08 2.53
CA LEU C 165 -16.25 -11.16 1.41
C LEU C 165 -14.89 -11.78 1.80
N VAL C 166 -14.66 -12.07 3.12
CA VAL C 166 -13.41 -12.70 3.59
C VAL C 166 -13.43 -14.15 3.17
N ARG C 167 -12.36 -14.62 2.51
CA ARG C 167 -12.30 -16.00 2.05
C ARG C 167 -11.29 -16.81 2.85
N ARG C 168 -11.58 -18.08 3.01
CA ARG C 168 -10.64 -19.00 3.66
C ARG C 168 -10.65 -20.22 2.77
N ASN C 169 -9.73 -20.24 1.78
CA ASN C 169 -9.56 -21.33 0.81
C ASN C 169 -10.86 -21.90 0.25
N ASN C 170 -11.37 -21.29 -0.85
CA ASN C 170 -12.57 -21.72 -1.57
C ASN C 170 -13.92 -21.38 -0.90
N THR C 171 -13.93 -20.84 0.35
CA THR C 171 -15.21 -20.53 1.00
C THR C 171 -15.28 -19.13 1.61
N PHE C 172 -16.48 -18.53 1.60
CA PHE C 172 -16.65 -17.23 2.22
C PHE C 172 -17.00 -17.42 3.69
N LEU C 173 -16.24 -16.76 4.55
CA LEU C 173 -16.45 -16.78 5.98
C LEU C 173 -17.72 -16.04 6.36
N SER C 174 -18.40 -16.50 7.44
CA SER C 174 -19.56 -15.79 7.94
C SER C 174 -19.11 -14.59 8.82
N LEU C 175 -20.04 -13.73 9.19
CA LEU C 175 -19.78 -12.60 10.08
C LEU C 175 -19.34 -13.16 11.46
N ARG C 176 -19.91 -14.30 11.90
CA ARG C 176 -19.50 -14.91 13.16
C ARG C 176 -18.08 -15.48 13.07
N ASP C 177 -17.70 -16.05 11.90
CA ASP C 177 -16.33 -16.57 11.71
C ASP C 177 -15.30 -15.47 11.88
N VAL C 178 -15.61 -14.29 11.36
CA VAL C 178 -14.71 -13.14 11.41
C VAL C 178 -14.66 -12.44 12.77
N PHE C 179 -15.84 -12.19 13.35
CA PHE C 179 -15.95 -11.40 14.57
C PHE C 179 -15.91 -12.20 15.87
N GLY C 180 -16.36 -13.44 15.82
CA GLY C 180 -16.42 -14.30 16.99
C GLY C 180 -17.23 -13.69 18.12
N LYS C 181 -16.63 -13.67 19.32
CA LYS C 181 -17.25 -13.09 20.52
C LYS C 181 -17.64 -11.60 20.36
N ASP C 182 -17.02 -10.90 19.38
CA ASP C 182 -17.35 -9.50 19.16
C ASP C 182 -18.75 -9.29 18.55
N LEU C 183 -19.34 -10.33 17.98
CA LEU C 183 -20.64 -10.25 17.34
C LEU C 183 -21.74 -10.89 18.17
N ILE C 184 -22.83 -10.17 18.31
CA ILE C 184 -24.05 -10.65 18.90
C ILE C 184 -25.19 -10.40 17.90
N TYR C 185 -26.29 -11.11 18.06
CA TYR C 185 -27.51 -10.84 17.32
C TYR C 185 -28.57 -10.44 18.33
N THR C 186 -29.43 -9.48 17.96
CA THR C 186 -30.51 -9.03 18.82
C THR C 186 -31.83 -9.34 18.13
N LEU C 187 -32.84 -9.76 18.89
CA LEU C 187 -34.15 -10.12 18.40
C LEU C 187 -35.19 -9.20 19.00
N TYR C 188 -36.07 -8.66 18.16
CA TYR C 188 -37.25 -7.91 18.56
C TYR C 188 -38.39 -8.89 18.30
N TYR C 189 -39.23 -9.13 19.30
CA TYR C 189 -40.36 -10.03 19.15
C TYR C 189 -41.59 -9.49 19.85
N TRP C 190 -42.78 -9.80 19.30
CA TRP C 190 -44.01 -9.31 19.89
C TRP C 190 -45.21 -10.09 19.41
N LYS C 191 -46.26 -10.13 20.23
CA LYS C 191 -47.51 -10.75 19.84
C LYS C 191 -48.46 -9.64 19.29
N SER C 192 -49.48 -10.01 18.52
CA SER C 192 -50.45 -9.07 17.92
C SER C 192 -51.00 -7.99 18.88
N SER C 193 -51.30 -8.36 20.13
CA SER C 193 -51.90 -7.46 21.12
C SER C 193 -50.93 -6.82 22.10
N SER C 194 -49.63 -6.87 21.81
CA SER C 194 -48.60 -6.32 22.69
C SER C 194 -48.64 -4.82 22.85
N SER C 195 -48.10 -4.33 23.97
CA SER C 195 -47.98 -2.91 24.24
C SER C 195 -46.52 -2.55 23.97
N GLY C 196 -46.07 -2.81 22.74
CA GLY C 196 -44.70 -2.57 22.32
C GLY C 196 -44.01 -3.84 21.86
N LYS C 197 -42.72 -4.00 22.20
CA LYS C 197 -41.98 -5.20 21.81
C LYS C 197 -40.96 -5.65 22.86
N LYS C 198 -40.63 -6.93 22.85
CA LYS C 198 -39.62 -7.47 23.76
C LYS C 198 -38.28 -7.66 23.01
N THR C 199 -37.19 -7.69 23.77
CA THR C 199 -35.86 -7.83 23.17
C THR C 199 -35.13 -9.03 23.75
N ALA C 200 -34.46 -9.83 22.90
CA ALA C 200 -33.60 -10.92 23.35
C ALA C 200 -32.23 -10.76 22.66
N LYS C 201 -31.15 -11.25 23.27
CA LYS C 201 -29.81 -11.10 22.70
C LYS C 201 -29.07 -12.44 22.75
N THR C 202 -28.23 -12.72 21.74
CA THR C 202 -27.49 -14.00 21.72
C THR C 202 -26.05 -13.86 21.27
N ASN C 203 -25.19 -14.70 21.87
CA ASN C 203 -23.79 -14.86 21.47
C ASN C 203 -23.64 -15.88 20.31
N THR C 204 -24.73 -16.55 19.90
CA THR C 204 -24.68 -17.53 18.80
C THR C 204 -25.57 -16.93 17.65
N ASN C 205 -26.14 -17.76 16.79
CA ASN C 205 -27.10 -17.31 15.80
C ASN C 205 -28.52 -17.77 16.17
N GLU C 206 -28.76 -18.15 17.43
CA GLU C 206 -30.07 -18.68 17.82
C GLU C 206 -30.58 -18.03 19.08
N PHE C 207 -31.89 -17.88 19.14
CA PHE C 207 -32.58 -17.34 20.31
C PHE C 207 -33.56 -18.39 20.82
N LEU C 208 -33.79 -18.44 22.13
CA LEU C 208 -34.80 -19.33 22.68
C LEU C 208 -35.63 -18.46 23.61
N ILE C 209 -36.83 -18.09 23.16
CA ILE C 209 -37.67 -17.18 23.92
C ILE C 209 -38.95 -17.84 24.46
N ASP C 210 -39.48 -17.27 25.54
CA ASP C 210 -40.74 -17.73 26.12
C ASP C 210 -41.87 -17.03 25.39
N VAL C 211 -42.93 -17.77 25.06
CA VAL C 211 -44.08 -17.18 24.37
C VAL C 211 -45.39 -17.51 25.11
N ASP C 212 -46.40 -16.66 24.94
CA ASP C 212 -47.71 -16.91 25.52
C ASP C 212 -48.46 -17.90 24.64
N LYS C 213 -49.19 -18.82 25.26
CA LYS C 213 -49.94 -19.85 24.56
C LYS C 213 -51.06 -19.23 23.72
N GLY C 214 -51.21 -19.71 22.49
CA GLY C 214 -52.27 -19.23 21.59
C GLY C 214 -52.05 -17.84 21.01
N GLU C 215 -50.81 -17.34 21.08
CA GLU C 215 -50.49 -16.03 20.56
C GLU C 215 -49.51 -16.16 19.41
N ASN C 216 -49.78 -15.46 18.30
CA ASN C 216 -48.88 -15.51 17.15
C ASN C 216 -47.88 -14.37 17.29
N TYR C 217 -46.60 -14.69 17.16
CA TYR C 217 -45.54 -13.71 17.34
C TYR C 217 -44.87 -13.33 16.02
N CYS C 218 -44.36 -12.10 15.98
CA CYS C 218 -43.57 -11.59 14.86
C CYS C 218 -42.13 -11.34 15.34
N PHE C 219 -41.17 -11.44 14.42
CA PHE C 219 -39.76 -11.33 14.78
C PHE C 219 -38.95 -10.47 13.81
N SER C 220 -37.90 -9.83 14.31
CA SER C 220 -36.96 -9.08 13.48
C SER C 220 -35.60 -9.10 14.17
N VAL C 221 -34.51 -9.24 13.39
CA VAL C 221 -33.18 -9.35 14.00
C VAL C 221 -32.17 -8.35 13.49
N GLN C 222 -31.19 -8.02 14.33
N GLN C 222 -31.19 -8.02 14.33
CA GLN C 222 -30.10 -7.11 13.98
CA GLN C 222 -30.10 -7.11 13.98
C GLN C 222 -28.77 -7.72 14.38
C GLN C 222 -28.77 -7.72 14.38
N ALA C 223 -27.74 -7.50 13.55
N ALA C 223 -27.74 -7.50 13.55
CA ALA C 223 -26.36 -7.88 13.85
CA ALA C 223 -26.36 -7.88 13.85
C ALA C 223 -25.79 -6.70 14.63
C ALA C 223 -25.79 -6.70 14.63
N VAL C 224 -25.09 -6.96 15.75
N VAL C 224 -25.09 -6.96 15.75
CA VAL C 224 -24.55 -5.88 16.57
CA VAL C 224 -24.55 -5.88 16.57
C VAL C 224 -23.09 -6.18 16.98
C VAL C 224 -23.09 -6.18 16.98
N ILE C 225 -22.22 -5.16 16.97
N ILE C 225 -22.22 -5.16 16.97
CA ILE C 225 -20.86 -5.27 17.48
CA ILE C 225 -20.86 -5.27 17.48
C ILE C 225 -20.87 -4.34 18.70
C ILE C 225 -20.87 -4.34 18.70
N PRO C 226 -21.21 -4.87 19.89
N PRO C 226 -21.21 -4.87 19.89
CA PRO C 226 -21.35 -3.99 21.07
CA PRO C 226 -21.35 -3.99 21.07
C PRO C 226 -20.16 -3.11 21.42
C PRO C 226 -20.16 -3.11 21.42
N SER C 227 -18.93 -3.59 21.18
CA SER C 227 -17.71 -2.81 21.47
C SER C 227 -17.54 -1.56 20.60
N ARG C 228 -18.25 -1.47 19.45
CA ARG C 228 -18.18 -0.28 18.62
C ARG C 228 -18.92 0.87 19.29
N THR C 229 -18.56 2.11 18.96
CA THR C 229 -19.25 3.31 19.42
C THR C 229 -20.08 3.88 18.26
N VAL C 230 -19.58 3.78 17.01
CA VAL C 230 -20.29 4.19 15.83
C VAL C 230 -20.44 2.99 14.88
N ASN C 231 -21.51 2.98 14.09
CA ASN C 231 -21.83 1.91 13.14
C ASN C 231 -21.96 0.57 13.88
N ARG C 232 -22.60 0.60 15.05
CA ARG C 232 -22.73 -0.56 15.92
C ARG C 232 -23.63 -1.65 15.41
N LYS C 233 -24.69 -1.27 14.70
CA LYS C 233 -25.71 -2.23 14.28
C LYS C 233 -25.99 -2.25 12.79
N SER C 234 -26.41 -3.41 12.32
CA SER C 234 -26.86 -3.59 10.95
C SER C 234 -28.26 -2.98 10.83
N THR C 235 -28.80 -2.96 9.60
CA THR C 235 -30.22 -2.62 9.43
C THR C 235 -31.00 -3.88 9.91
N ASP C 236 -32.30 -3.71 10.14
CA ASP C 236 -33.13 -4.82 10.63
C ASP C 236 -33.41 -5.83 9.54
N SER C 237 -33.50 -7.11 9.91
CA SER C 237 -33.89 -8.15 8.98
C SER C 237 -35.35 -7.93 8.56
N PRO C 238 -35.79 -8.51 7.42
CA PRO C 238 -37.24 -8.49 7.12
C PRO C 238 -38.02 -9.21 8.24
N VAL C 239 -39.21 -8.72 8.54
CA VAL C 239 -40.02 -9.31 9.60
C VAL C 239 -40.65 -10.64 9.18
N GLU C 240 -40.63 -11.63 10.09
CA GLU C 240 -41.27 -12.94 9.85
C GLU C 240 -42.29 -13.18 10.97
N CYS C 241 -43.48 -13.70 10.66
CA CYS C 241 -44.50 -13.95 11.68
C CYS C 241 -44.95 -15.40 11.69
N MET C 242 -45.36 -15.87 12.86
CA MET C 242 -45.90 -17.21 13.05
C MET C 242 -47.29 -17.33 12.40
CA CA D . -32.96 -4.10 -0.58
MG MG E . -55.35 -5.27 2.51
C1 GLC F . -29.34 -3.86 -11.05
C2 GLC F . -29.13 -2.96 -9.80
C3 GLC F . -28.57 -1.58 -10.14
C4 GLC F . -27.46 -1.71 -11.19
C5 GLC F . -28.01 -2.31 -12.49
C6 GLC F . -26.99 -3.14 -13.24
O2 GLC F . -30.31 -2.83 -9.02
O3 GLC F . -28.06 -0.94 -8.98
O4 GLC F . -26.88 -0.44 -11.45
O5 GLC F . -29.18 -3.13 -12.29
O6 GLC F . -27.48 -3.54 -14.51
C1 FUC G . -23.02 -17.27 -5.35
C2 FUC G . -23.26 -18.53 -6.17
C3 FUC G . -22.36 -18.51 -7.41
C4 FUC G . -20.90 -18.30 -7.03
C5 FUC G . -20.77 -17.01 -6.23
C6 FUC G . -19.37 -16.72 -5.74
O2 FUC G . -24.62 -18.66 -6.54
O3 FUC G . -22.51 -19.73 -8.12
O4 FUC G . -20.44 -19.42 -6.27
O5 FUC G . -21.62 -17.10 -5.07
CA CA H . -56.19 2.64 8.72
CA CA I . -49.44 -17.64 1.00
C9 WIZ J . 23.14 23.59 -0.21
C10 WIZ J . 22.19 23.51 0.79
C11 WIZ J . 21.99 22.30 1.45
C12 WIZ J . 22.71 21.17 1.08
C13 WIZ J . 23.64 21.24 0.05
C14 WIZ J . 23.85 22.46 -0.58
C19 WIZ J . 20.42 25.19 -0.99
C20 WIZ J . 21.11 25.55 0.16
C21 WIZ J . 21.50 26.86 0.38
C22 WIZ J . 21.19 27.82 -0.56
C27 WIZ J . 25.75 18.17 2.60
O28 WIZ J . 26.14 20.34 1.69
C32 WIZ J . 23.34 16.02 4.52
C33 WIZ J . 22.95 14.72 4.21
C34 WIZ J . 21.83 14.19 4.81
C35 WIZ J . 21.08 14.92 5.72
O15 WIZ J . 21.41 24.60 1.14
BR16 WIZ J . 20.72 22.18 2.84
C17 WIZ J . 20.48 27.48 -1.71
C18 WIZ J . 20.11 26.17 -1.93
C23 WIZ J . 24.35 20.01 -0.45
N24 WIZ J . 24.64 19.05 0.62
C25 WIZ J . 23.56 19.31 -1.56
C26 WIZ J . 25.53 19.28 1.60
C29 WIZ J . 24.49 17.87 3.36
N30 WIZ J . 24.40 16.59 3.80
O31 WIZ J . 23.61 18.70 3.52
C36 WIZ J . 21.51 16.20 6.06
C37 WIZ J . 22.62 16.75 5.45
C38 WIZ J . 19.84 14.37 6.30
N39 WIZ J . 19.33 13.27 5.75
N40 WIZ J . 19.28 14.96 7.30
C41 WIZ J . 19.38 25.81 -3.18
O42 WIZ J . 18.82 26.66 -3.87
O43 WIZ J . 19.37 24.54 -3.48
CA CA K . 38.94 -1.13 8.24
CL CL L . 44.14 2.18 -8.82
CL CL M . -23.08 -15.05 11.12
#